data_7KMW
#
_entry.id   7KMW
#
_cell.length_a   194.130
_cell.length_b   45.620
_cell.length_c   121.560
_cell.angle_alpha   90.000
_cell.angle_beta   126.750
_cell.angle_gamma   90.000
#
_symmetry.space_group_name_H-M   'C 1 2 1'
#
loop_
_entity.id
_entity.type
_entity.pdbx_description
1 polymer '2-C-methyl-D-erythritol 4-phosphate cytidylyltransferase'
2 non-polymer 1,2-ETHANEDIOL
3 water water
#
_entity_poly.entity_id   1
_entity_poly.type   'polypeptide(L)'
_entity_poly.pdbx_seq_one_letter_code
;MAHHHHHHMGTLEAQTQGPGSMLVPETGLAPETGSSGTVAAVVPAAGSGERLAAGIPKAFCEIDGASMLARAVAGLLDSK
VVDHVVVAVPADRVDEAKRLLPGQATVVAGGADRTASVRLALAAVPGNPAFVLVHDAARALTPPALIARVVQALRDGHRA
VVPALPLHDTVKAVDANGVVLGTPERDGLRAVQTPQGFATDLLLRAYAAGAGTAGFTDDASLVEHVGGQVQVVDGDPLAF
KITTQLDLLLAETIVRR
;
_entity_poly.pdbx_strand_id   A,B,C,D
#
loop_
_chem_comp.id
_chem_comp.type
_chem_comp.name
_chem_comp.formula
EDO non-polymer 1,2-ETHANEDIOL 'C2 H6 O2'
#
# COMPACT_ATOMS: atom_id res chain seq x y z
N LEU A 29 -6.22 22.78 9.43
CA LEU A 29 -5.59 22.47 10.72
C LEU A 29 -5.10 23.73 11.45
N ALA A 30 -4.93 23.60 12.76
CA ALA A 30 -4.72 24.76 13.63
C ALA A 30 -3.39 25.45 13.35
N PRO A 31 -3.37 26.78 13.19
CA PRO A 31 -2.09 27.47 13.01
C PRO A 31 -1.13 27.29 14.19
N GLU A 32 -1.62 26.90 15.36
CA GLU A 32 -0.74 26.70 16.52
C GLU A 32 0.08 25.41 16.43
N THR A 33 -0.20 24.54 15.45
CA THR A 33 0.49 23.26 15.35
C THR A 33 1.99 23.48 15.12
N GLY A 34 2.81 22.73 15.85
CA GLY A 34 4.25 22.90 15.77
C GLY A 34 4.82 24.18 16.36
N SER A 35 4.00 24.96 17.08
CA SER A 35 4.43 26.31 17.44
C SER A 35 5.55 26.33 18.47
N SER A 36 5.65 25.29 19.31
CA SER A 36 6.64 25.28 20.38
C SER A 36 8.08 25.00 19.90
N GLY A 37 8.25 24.40 18.73
CA GLY A 37 9.56 24.04 18.19
C GLY A 37 10.26 22.87 18.85
N THR A 38 9.59 22.11 19.69
CA THR A 38 10.21 21.01 20.43
C THR A 38 10.11 19.68 19.67
N VAL A 39 10.83 18.67 20.18
CA VAL A 39 10.86 17.35 19.58
C VAL A 39 10.22 16.35 20.52
N ALA A 40 9.20 15.65 20.05
CA ALA A 40 8.54 14.62 20.83
C ALA A 40 8.78 13.27 20.20
N ALA A 41 9.04 12.27 21.03
CA ALA A 41 9.19 10.90 20.56
C ALA A 41 8.12 10.06 21.23
N VAL A 42 7.45 9.23 20.43
CA VAL A 42 6.40 8.34 20.91
C VAL A 42 6.86 6.90 20.69
N VAL A 43 6.71 6.07 21.72
CA VAL A 43 6.94 4.65 21.53
C VAL A 43 5.59 3.97 21.67
N PRO A 44 4.93 3.66 20.55
CA PRO A 44 3.66 2.93 20.62
C PRO A 44 3.94 1.46 20.85
N ALA A 45 3.52 0.95 21.99
CA ALA A 45 3.76 -0.41 22.39
C ALA A 45 2.50 -0.94 23.05
N ALA A 46 1.38 -0.91 22.33
CA ALA A 46 0.09 -1.22 22.94
C ALA A 46 -0.80 -2.14 22.11
N ILE A 56 0.94 -7.24 26.82
CA ILE A 56 1.60 -7.29 25.51
C ILE A 56 2.81 -8.24 25.60
N PRO A 57 3.63 -8.33 24.52
CA PRO A 57 4.89 -9.08 24.65
C PRO A 57 6.15 -8.30 24.31
N LYS A 58 6.57 -8.38 23.04
CA LYS A 58 7.98 -8.18 22.66
C LYS A 58 8.58 -6.92 23.25
N ALA A 59 7.83 -5.82 23.27
CA ALA A 59 8.37 -4.58 23.80
C ALA A 59 8.77 -4.72 25.27
N PHE A 60 8.14 -5.65 25.99
CA PHE A 60 8.39 -5.81 27.42
C PHE A 60 9.38 -6.92 27.75
N CYS A 61 9.71 -7.79 26.78
CA CYS A 61 10.71 -8.82 26.99
C CYS A 61 12.02 -8.20 27.47
N GLU A 62 12.65 -8.87 28.43
CA GLU A 62 13.85 -8.34 29.05
C GLU A 62 15.09 -8.78 28.28
N ILE A 63 16.01 -7.85 28.10
CA ILE A 63 17.32 -8.10 27.52
C ILE A 63 18.32 -7.77 28.60
N ASP A 64 18.93 -8.79 29.18
CA ASP A 64 19.89 -8.60 30.25
C ASP A 64 19.34 -7.70 31.35
N GLY A 65 18.17 -8.07 31.87
CA GLY A 65 17.55 -7.32 32.95
C GLY A 65 16.56 -6.26 32.50
N ALA A 66 16.94 -5.45 31.51
CA ALA A 66 16.12 -4.31 31.12
C ALA A 66 15.23 -4.67 29.95
N SER A 67 14.02 -4.15 29.95
CA SER A 67 13.08 -4.39 28.86
C SER A 67 13.56 -3.72 27.58
N MET A 68 13.07 -4.22 26.45
CA MET A 68 13.31 -3.53 25.19
C MET A 68 12.77 -2.11 25.25
N LEU A 69 11.56 -1.96 25.77
CA LEU A 69 10.97 -0.62 25.90
C LEU A 69 11.89 0.31 26.67
N ALA A 70 12.40 -0.15 27.81
CA ALA A 70 13.25 0.71 28.64
C ALA A 70 14.51 1.12 27.89
N ARG A 71 15.15 0.16 27.20
CA ARG A 71 16.35 0.49 26.44
C ARG A 71 16.04 1.42 25.30
N ALA A 72 14.90 1.21 24.65
CA ALA A 72 14.49 2.08 23.54
C ALA A 72 14.25 3.51 24.03
N VAL A 73 13.60 3.66 25.18
CA VAL A 73 13.37 4.99 25.73
C VAL A 73 14.69 5.63 26.14
N ALA A 74 15.57 4.85 26.77
CA ALA A 74 16.88 5.37 27.16
C ALA A 74 17.67 5.87 25.95
N GLY A 75 17.62 5.14 24.84
CA GLY A 75 18.26 5.62 23.63
C GLY A 75 17.72 6.98 23.20
N LEU A 76 16.39 7.12 23.20
CA LEU A 76 15.79 8.40 22.84
C LEU A 76 16.24 9.53 23.76
N LEU A 77 16.29 9.26 25.07
CA LEU A 77 16.71 10.28 26.03
C LEU A 77 18.18 10.60 25.85
N ASP A 78 19.01 9.56 25.71
CA ASP A 78 20.44 9.68 25.57
C ASP A 78 20.87 10.35 24.26
N SER A 79 19.99 10.46 23.28
CA SER A 79 20.32 11.25 22.09
C SER A 79 20.55 12.71 22.45
N LYS A 80 20.08 13.14 23.62
CA LYS A 80 20.16 14.50 24.13
C LYS A 80 19.37 15.50 23.28
N VAL A 81 18.64 15.06 22.24
CA VAL A 81 17.97 16.00 21.36
C VAL A 81 16.45 15.76 21.28
N VAL A 82 15.87 15.04 22.24
CA VAL A 82 14.43 14.79 22.28
C VAL A 82 13.85 15.40 23.55
N ASP A 83 12.88 16.30 23.40
CA ASP A 83 12.41 17.05 24.55
C ASP A 83 11.40 16.26 25.39
N HIS A 84 10.65 15.36 24.77
CA HIS A 84 9.61 14.62 25.47
C HIS A 84 9.57 13.21 24.89
N VAL A 85 9.61 12.20 25.77
CA VAL A 85 9.47 10.81 25.38
C VAL A 85 8.20 10.30 26.03
N VAL A 86 7.23 9.90 25.21
CA VAL A 86 6.01 9.29 25.71
C VAL A 86 5.88 7.89 25.15
N VAL A 87 5.49 6.98 26.03
CA VAL A 87 5.28 5.58 25.72
C VAL A 87 3.79 5.31 25.85
N ALA A 88 3.21 4.63 24.88
CA ALA A 88 1.83 4.18 24.99
C ALA A 88 1.90 2.68 25.18
N VAL A 89 1.36 2.20 26.30
CA VAL A 89 1.37 0.78 26.63
C VAL A 89 -0.04 0.34 26.99
N PRO A 90 -0.30 -0.96 27.06
CA PRO A 90 -1.60 -1.42 27.56
C PRO A 90 -1.82 -0.96 28.99
N ALA A 91 -3.10 -0.83 29.35
CA ALA A 91 -3.47 -0.33 30.67
C ALA A 91 -2.71 -1.03 31.79
N ASP A 92 -2.63 -2.36 31.74
CA ASP A 92 -2.06 -3.17 32.82
C ASP A 92 -0.54 -3.11 32.89
N ARG A 93 0.13 -2.39 32.00
CA ARG A 93 1.57 -2.19 32.10
C ARG A 93 1.91 -0.73 32.37
N VAL A 94 0.89 0.12 32.56
CA VAL A 94 1.11 1.54 32.74
C VAL A 94 1.96 1.80 33.97
N ASP A 95 1.51 1.32 35.13
CA ASP A 95 2.25 1.57 36.35
C ASP A 95 3.63 0.91 36.30
N GLU A 96 3.69 -0.30 35.77
CA GLU A 96 4.97 -0.98 35.72
C GLU A 96 5.93 -0.22 34.82
N ALA A 97 5.44 0.20 33.65
CA ALA A 97 6.26 1.00 32.74
C ALA A 97 6.81 2.22 33.46
N LYS A 98 5.99 2.90 34.26
CA LYS A 98 6.43 4.12 34.90
C LYS A 98 7.53 3.85 35.92
N ARG A 99 7.41 2.75 36.68
CA ARG A 99 8.43 2.49 37.70
C ARG A 99 9.76 2.01 37.12
N LEU A 100 9.78 1.43 35.92
CA LEU A 100 11.00 0.89 35.37
C LEU A 100 11.63 1.71 34.25
N LEU A 101 11.01 2.81 33.84
CA LEU A 101 11.57 3.54 32.72
C LEU A 101 12.43 4.69 33.24
N PRO A 102 13.41 5.14 32.47
CA PRO A 102 14.17 6.32 32.89
C PRO A 102 13.21 7.45 33.23
N GLY A 103 13.54 8.15 34.32
CA GLY A 103 12.53 8.97 34.99
C GLY A 103 11.89 10.06 34.17
N GLN A 104 12.64 10.63 33.22
CA GLN A 104 12.09 11.77 32.50
C GLN A 104 11.01 11.39 31.48
N ALA A 105 10.85 10.11 31.14
CA ALA A 105 9.85 9.73 30.14
C ALA A 105 8.45 9.63 30.78
N THR A 106 7.42 9.78 29.96
CA THR A 106 6.06 9.70 30.44
C THR A 106 5.29 8.56 29.79
N VAL A 107 4.20 8.16 30.43
CA VAL A 107 3.44 6.98 30.05
C VAL A 107 1.97 7.35 29.93
N VAL A 108 1.33 6.96 28.84
CA VAL A 108 -0.12 7.03 28.73
C VAL A 108 -0.60 5.63 28.41
N ALA A 109 -1.87 5.38 28.71
CA ALA A 109 -2.52 4.19 28.18
C ALA A 109 -2.88 4.45 26.73
N GLY A 110 -2.41 3.57 25.84
CA GLY A 110 -2.57 3.78 24.41
C GLY A 110 -3.90 3.32 23.88
N GLY A 111 -4.09 3.50 22.58
CA GLY A 111 -5.32 3.10 21.93
C GLY A 111 -5.15 1.81 21.14
N ALA A 112 -6.21 1.46 20.43
CA ALA A 112 -6.23 0.26 19.58
C ALA A 112 -5.64 0.52 18.21
N ASP A 113 -6.07 1.61 17.57
CA ASP A 113 -5.73 2.01 16.21
C ASP A 113 -4.33 2.59 16.08
N ARG A 114 -3.42 2.34 17.03
CA ARG A 114 -2.04 2.80 16.98
C ARG A 114 -1.86 4.26 16.64
N THR A 115 -2.55 4.76 15.61
CA THR A 115 -2.55 6.20 15.37
C THR A 115 -3.23 6.89 16.55
N ALA A 116 -4.27 6.22 17.10
CA ALA A 116 -4.88 6.67 18.33
C ALA A 116 -3.86 6.74 19.45
N SER A 117 -2.98 5.72 19.54
CA SER A 117 -1.93 5.76 20.55
C SER A 117 -1.02 6.97 20.36
N VAL A 118 -0.66 7.27 19.10
CA VAL A 118 0.20 8.43 18.84
C VAL A 118 -0.52 9.72 19.17
N ARG A 119 -1.79 9.82 18.80
CA ARG A 119 -2.58 10.99 19.12
C ARG A 119 -2.71 11.17 20.64
N LEU A 120 -2.99 10.09 21.36
CA LEU A 120 -3.06 10.19 22.83
C LEU A 120 -1.72 10.60 23.41
N ALA A 121 -0.63 10.02 22.93
CA ALA A 121 0.68 10.38 23.47
C ALA A 121 0.93 11.87 23.30
N LEU A 122 0.47 12.43 22.18
CA LEU A 122 0.71 13.84 21.91
C LEU A 122 -0.13 14.74 22.82
N ALA A 123 -1.36 14.33 23.13
CA ALA A 123 -2.17 15.12 24.05
C ALA A 123 -1.52 15.19 25.43
N ALA A 124 -0.66 14.23 25.76
CA ALA A 124 0.09 14.24 27.01
C ALA A 124 1.40 15.00 26.90
N VAL A 125 1.74 15.50 25.72
CA VAL A 125 2.97 16.28 25.56
C VAL A 125 2.66 17.76 25.76
N PRO A 126 3.36 18.46 26.65
CA PRO A 126 3.08 19.90 26.80
C PRO A 126 3.43 20.67 25.54
N GLY A 127 2.73 21.78 25.34
CA GLY A 127 2.99 22.61 24.21
C GLY A 127 2.56 22.00 22.88
N ASN A 128 3.14 22.55 21.82
CA ASN A 128 2.83 22.09 20.48
C ASN A 128 4.15 21.70 19.83
N PRO A 129 4.60 20.46 19.97
CA PRO A 129 5.90 20.09 19.40
C PRO A 129 5.93 20.25 17.88
N ALA A 130 7.05 20.79 17.38
CA ALA A 130 7.22 20.89 15.94
C ALA A 130 7.49 19.55 15.27
N PHE A 131 8.02 18.57 16.01
CA PHE A 131 8.43 17.31 15.40
C PHE A 131 8.03 16.14 16.28
N VAL A 132 7.58 15.07 15.62
CA VAL A 132 7.20 13.81 16.26
C VAL A 132 8.11 12.74 15.69
N LEU A 133 8.82 12.06 16.58
CA LEU A 133 9.57 10.86 16.22
C LEU A 133 8.77 9.66 16.68
N VAL A 134 8.56 8.70 15.79
CA VAL A 134 7.86 7.46 16.12
C VAL A 134 8.86 6.31 16.06
N HIS A 135 8.97 5.57 17.16
CA HIS A 135 10.08 4.65 17.39
C HIS A 135 9.54 3.29 17.81
N ASP A 136 9.99 2.24 17.12
CA ASP A 136 9.62 0.87 17.46
C ASP A 136 10.38 0.43 18.71
N ALA A 137 9.64 -0.01 19.73
CA ALA A 137 10.29 -0.50 20.94
C ALA A 137 11.25 -1.65 20.66
N ALA A 138 10.99 -2.42 19.61
CA ALA A 138 11.84 -3.57 19.32
C ALA A 138 13.21 -3.20 18.78
N ARG A 139 13.44 -1.95 18.37
CA ARG A 139 14.79 -1.53 17.96
C ARG A 139 15.54 -0.97 19.18
N ALA A 140 15.70 -1.86 20.17
CA ALA A 140 16.11 -1.48 21.53
C ALA A 140 17.55 -0.99 21.60
N LEU A 141 18.41 -1.41 20.67
CA LEU A 141 19.82 -1.05 20.70
C LEU A 141 20.14 0.09 19.76
N THR A 142 19.13 0.77 19.23
CA THR A 142 19.30 1.91 18.35
C THR A 142 20.31 2.88 18.96
N PRO A 143 21.39 3.19 18.25
CA PRO A 143 22.41 4.06 18.82
C PRO A 143 21.88 5.47 18.98
N PRO A 144 22.22 6.13 20.09
CA PRO A 144 21.77 7.51 20.31
C PRO A 144 22.17 8.46 19.19
N ALA A 145 23.31 8.23 18.53
CA ALA A 145 23.73 9.10 17.44
C ALA A 145 22.82 8.97 16.24
N LEU A 146 22.29 7.77 15.98
CA LEU A 146 21.32 7.59 14.92
C LEU A 146 20.09 8.45 15.17
N ILE A 147 19.55 8.38 16.38
CA ILE A 147 18.39 9.20 16.72
C ILE A 147 18.71 10.67 16.49
N ALA A 148 19.91 11.10 16.87
CA ALA A 148 20.29 12.49 16.67
C ALA A 148 20.38 12.85 15.20
N ARG A 149 20.85 11.91 14.36
CA ARG A 149 20.90 12.19 12.93
C ARG A 149 19.50 12.48 12.39
N VAL A 150 18.51 11.71 12.83
CA VAL A 150 17.13 11.92 12.39
C VAL A 150 16.67 13.33 12.77
N VAL A 151 16.92 13.73 14.02
CA VAL A 151 16.51 15.04 14.48
C VAL A 151 17.32 16.13 13.79
N GLN A 152 18.60 15.89 13.53
CA GLN A 152 19.37 16.92 12.85
C GLN A 152 18.83 17.18 11.45
N ALA A 153 18.38 16.13 10.76
CA ALA A 153 17.89 16.33 9.40
C ALA A 153 16.56 17.07 9.42
N LEU A 154 15.75 16.87 10.46
CA LEU A 154 14.54 17.68 10.63
C LEU A 154 14.89 19.15 10.86
N ARG A 155 15.84 19.42 11.77
CA ARG A 155 16.27 20.79 12.02
C ARG A 155 16.80 21.46 10.76
N ASP A 156 17.43 20.68 9.88
CA ASP A 156 17.93 21.19 8.62
C ASP A 156 16.84 21.49 7.59
N GLY A 157 15.57 21.20 7.89
CA GLY A 157 14.48 21.55 7.00
C GLY A 157 13.77 20.37 6.37
N HIS A 158 14.29 19.16 6.48
CA HIS A 158 13.53 18.01 6.01
C HIS A 158 12.30 17.82 6.89
N ARG A 159 11.18 17.47 6.26
CA ARG A 159 9.93 17.40 6.97
C ARG A 159 9.51 15.98 7.31
N ALA A 160 10.24 15.00 6.80
CA ALA A 160 10.04 13.58 7.04
C ALA A 160 11.38 12.89 6.85
N VAL A 161 11.83 12.13 7.85
CA VAL A 161 13.17 11.59 7.87
C VAL A 161 13.09 10.18 8.45
N VAL A 162 13.70 9.21 7.75
CA VAL A 162 13.79 7.86 8.27
C VAL A 162 15.25 7.43 8.23
N PRO A 163 15.70 6.57 9.14
CA PRO A 163 17.05 5.97 9.01
C PRO A 163 17.02 4.73 8.13
N ALA A 164 18.13 4.51 7.43
CA ALA A 164 18.11 3.45 6.43
C ALA A 164 19.49 2.86 6.18
N LEU A 165 19.49 1.62 5.67
CA LEU A 165 20.67 0.84 5.36
C LEU A 165 20.56 0.23 3.98
N PRO A 166 21.70 0.01 3.30
CA PRO A 166 21.70 -0.79 2.07
C PRO A 166 21.25 -2.21 2.33
N LEU A 167 20.62 -2.81 1.32
CA LEU A 167 20.16 -4.18 1.47
C LEU A 167 21.33 -5.14 1.58
N HIS A 168 21.14 -6.22 2.34
CA HIS A 168 22.09 -7.33 2.32
C HIS A 168 21.82 -8.30 1.17
N ASP A 169 20.56 -8.67 1.00
CA ASP A 169 20.09 -9.64 0.05
C ASP A 169 19.47 -8.96 -1.17
N THR A 170 19.49 -9.68 -2.29
CA THR A 170 18.66 -9.29 -3.41
C THR A 170 17.21 -9.42 -2.99
N VAL A 171 16.40 -8.45 -3.37
CA VAL A 171 14.97 -8.46 -3.06
C VAL A 171 14.23 -8.70 -4.35
N LYS A 172 13.22 -9.57 -4.32
CA LYS A 172 12.45 -9.90 -5.52
C LYS A 172 10.96 -9.79 -5.25
N ALA A 173 10.21 -9.39 -6.28
CA ALA A 173 8.76 -9.46 -6.23
C ALA A 173 8.34 -10.91 -6.44
N VAL A 174 7.43 -11.40 -5.61
CA VAL A 174 7.10 -12.82 -5.53
C VAL A 174 5.60 -12.96 -5.30
N ASP A 175 4.94 -13.79 -6.11
CA ASP A 175 3.51 -13.98 -5.95
C ASP A 175 3.23 -14.97 -4.81
N ALA A 176 1.94 -15.27 -4.59
CA ALA A 176 1.55 -16.14 -3.46
C ALA A 176 1.92 -17.59 -3.69
N ASN A 177 2.21 -17.98 -4.92
CA ASN A 177 2.65 -19.34 -5.21
C ASN A 177 4.17 -19.52 -5.13
N GLY A 178 4.92 -18.50 -4.73
CA GLY A 178 6.37 -18.59 -4.75
C GLY A 178 7.00 -18.38 -6.11
N VAL A 179 6.23 -17.93 -7.11
CA VAL A 179 6.78 -17.64 -8.42
C VAL A 179 7.32 -16.22 -8.42
N VAL A 180 8.58 -16.08 -8.83
CA VAL A 180 9.25 -14.79 -8.89
C VAL A 180 8.65 -13.96 -10.01
N LEU A 181 8.21 -12.75 -9.68
CA LEU A 181 7.62 -11.85 -10.65
C LEU A 181 8.57 -10.78 -11.18
N GLY A 182 9.62 -10.46 -10.43
CA GLY A 182 10.59 -9.49 -10.91
C GLY A 182 11.62 -9.23 -9.84
N THR A 183 12.68 -8.53 -10.25
CA THR A 183 13.78 -8.19 -9.36
C THR A 183 14.06 -6.70 -9.53
N PRO A 184 13.61 -5.85 -8.61
CA PRO A 184 13.99 -4.43 -8.68
C PRO A 184 15.49 -4.28 -8.43
N GLU A 185 16.05 -3.20 -8.97
CA GLU A 185 17.46 -2.90 -8.75
C GLU A 185 17.76 -2.83 -7.25
N ARG A 186 18.60 -3.76 -6.76
CA ARG A 186 18.92 -3.81 -5.33
C ARG A 186 19.53 -2.49 -4.89
N ASP A 187 20.45 -1.96 -5.69
CA ASP A 187 21.14 -0.72 -5.34
C ASP A 187 20.18 0.45 -5.23
N GLY A 188 18.96 0.33 -5.79
CA GLY A 188 17.98 1.38 -5.68
C GLY A 188 17.08 1.26 -4.47
N LEU A 189 17.29 0.27 -3.62
CA LEU A 189 16.46 -0.01 -2.47
C LEU A 189 17.20 0.25 -1.17
N ARG A 190 16.44 0.54 -0.12
CA ARG A 190 17.00 0.68 1.22
C ARG A 190 16.10 -0.01 2.23
N ALA A 191 16.73 -0.53 3.27
CA ALA A 191 16.03 -1.07 4.43
C ALA A 191 15.87 0.04 5.45
N VAL A 192 14.63 0.28 5.89
CA VAL A 192 14.28 1.43 6.70
C VAL A 192 14.17 1.00 8.15
N GLN A 193 14.64 1.86 9.07
CA GLN A 193 14.54 1.57 10.50
C GLN A 193 13.72 2.65 11.17
N THR A 194 13.81 2.77 12.49
CA THR A 194 13.21 3.85 13.25
C THR A 194 14.25 4.38 14.23
N PRO A 195 14.01 5.55 14.83
CA PRO A 195 12.85 6.42 14.77
C PRO A 195 12.70 7.10 13.43
N GLN A 196 11.44 7.20 13.02
CA GLN A 196 11.04 8.01 11.88
C GLN A 196 10.52 9.36 12.39
N GLY A 197 11.01 10.44 11.81
CA GLY A 197 10.73 11.79 12.30
C GLY A 197 9.95 12.62 11.29
N PHE A 198 8.99 13.40 11.80
CA PHE A 198 8.09 14.15 10.95
C PHE A 198 7.79 15.51 11.54
N ALA A 199 7.67 16.52 10.68
CA ALA A 199 6.93 17.70 11.09
C ALA A 199 5.53 17.29 11.53
N THR A 200 5.12 17.77 12.70
CA THR A 200 3.90 17.28 13.34
C THR A 200 2.68 17.42 12.42
N ASP A 201 2.50 18.59 11.80
CA ASP A 201 1.35 18.75 10.91
C ASP A 201 1.38 17.74 9.76
N LEU A 202 2.57 17.48 9.20
CA LEU A 202 2.66 16.51 8.11
C LEU A 202 2.25 15.12 8.60
N LEU A 203 2.77 14.70 9.75
CA LEU A 203 2.35 13.41 10.30
C LEU A 203 0.86 13.38 10.53
N LEU A 204 0.29 14.46 11.08
CA LEU A 204 -1.14 14.43 11.32
C LEU A 204 -1.94 14.35 10.02
N ARG A 205 -1.55 15.09 8.97
CA ARG A 205 -2.25 14.96 7.68
C ARG A 205 -2.17 13.54 7.15
N ALA A 206 -1.02 12.87 7.31
CA ALA A 206 -0.89 11.50 6.83
C ALA A 206 -1.80 10.58 7.61
N TYR A 207 -1.94 10.80 8.93
CA TYR A 207 -2.82 9.95 9.71
C TYR A 207 -4.29 10.13 9.33
N ALA A 208 -4.71 11.36 9.03
CA ALA A 208 -6.12 11.55 8.67
C ALA A 208 -6.48 10.84 7.39
N ALA A 209 -5.53 10.70 6.46
CA ALA A 209 -5.82 10.02 5.20
C ALA A 209 -5.61 8.52 5.24
N GLY A 210 -4.58 8.04 5.96
CA GLY A 210 -4.24 6.64 5.86
C GLY A 210 -4.21 5.81 7.12
N ALA A 211 -4.69 6.37 8.24
CA ALA A 211 -4.61 5.64 9.50
C ALA A 211 -5.37 4.32 9.47
N GLY A 212 -6.26 4.11 8.49
CA GLY A 212 -7.07 2.91 8.47
C GLY A 212 -6.36 1.73 7.85
N THR A 213 -5.02 1.76 7.90
CA THR A 213 -4.16 0.70 7.36
C THR A 213 -2.79 0.74 8.03
N ALA A 214 -2.58 1.70 8.95
CA ALA A 214 -1.26 1.98 9.50
C ALA A 214 -0.59 0.78 10.19
N GLY A 215 -1.36 -0.28 10.49
CA GLY A 215 -0.77 -1.44 11.14
C GLY A 215 0.11 -2.25 10.22
N PHE A 216 -0.17 -2.20 8.91
CA PHE A 216 0.64 -2.84 7.88
C PHE A 216 1.59 -1.87 7.18
N THR A 217 1.41 -0.56 7.36
CA THR A 217 2.25 0.46 6.75
C THR A 217 3.11 1.14 7.81
N ASP A 218 4.35 1.50 7.46
CA ASP A 218 5.16 2.32 8.35
C ASP A 218 4.78 3.78 8.16
N ASP A 219 5.02 4.57 9.21
CA ASP A 219 4.54 5.95 9.24
C ASP A 219 5.01 6.73 8.03
N ALA A 220 6.26 6.51 7.60
CA ALA A 220 6.77 7.26 6.45
C ALA A 220 5.96 6.94 5.20
N SER A 221 5.50 5.69 5.04
CA SER A 221 4.63 5.37 3.89
C SER A 221 3.36 6.19 3.89
N LEU A 222 2.74 6.36 5.07
CA LEU A 222 1.51 7.16 5.16
C LEU A 222 1.78 8.59 4.75
N VAL A 223 2.95 9.12 5.15
CA VAL A 223 3.33 10.46 4.79
C VAL A 223 3.57 10.57 3.30
N GLU A 224 4.27 9.59 2.69
CA GLU A 224 4.47 9.63 1.26
C GLU A 224 3.12 9.70 0.54
N HIS A 225 2.13 9.00 1.06
CA HIS A 225 0.84 8.92 0.38
C HIS A 225 0.14 10.27 0.32
N VAL A 226 0.42 11.19 1.24
CA VAL A 226 -0.17 12.53 1.20
C VAL A 226 0.77 13.55 0.56
N GLY A 227 1.84 13.10 -0.08
CA GLY A 227 2.75 14.02 -0.75
C GLY A 227 3.98 14.40 0.03
N GLY A 228 4.16 13.87 1.24
CA GLY A 228 5.34 14.23 1.99
C GLY A 228 6.61 13.76 1.31
N GLN A 229 7.61 14.63 1.25
CA GLN A 229 8.91 14.22 0.78
C GLN A 229 9.72 13.66 1.96
N VAL A 230 10.30 12.48 1.78
CA VAL A 230 11.00 11.81 2.86
C VAL A 230 12.49 11.73 2.53
N GLN A 231 13.31 12.05 3.52
CA GLN A 231 14.75 12.06 3.40
C GLN A 231 15.34 10.92 4.21
N VAL A 232 16.36 10.28 3.68
CA VAL A 232 17.02 9.18 4.35
C VAL A 232 18.29 9.71 5.00
N VAL A 233 18.53 9.29 6.25
CA VAL A 233 19.83 9.44 6.88
C VAL A 233 20.37 8.05 7.18
N ASP A 234 21.66 7.98 7.45
CA ASP A 234 22.29 6.70 7.72
C ASP A 234 21.71 6.07 8.97
N GLY A 235 21.27 4.82 8.83
CA GLY A 235 20.86 4.03 9.97
C GLY A 235 22.06 3.40 10.63
N ASP A 236 21.84 2.26 11.26
CA ASP A 236 22.95 1.60 11.94
C ASP A 236 22.52 0.15 12.14
N PRO A 237 23.41 -0.82 11.85
CA PRO A 237 23.06 -2.23 12.09
C PRO A 237 22.55 -2.49 13.49
N LEU A 238 23.02 -1.73 14.48
CA LEU A 238 22.61 -1.97 15.86
C LEU A 238 21.13 -1.66 16.08
N ALA A 239 20.49 -0.94 15.15
CA ALA A 239 19.08 -0.58 15.27
C ALA A 239 18.15 -1.66 14.71
N PHE A 240 18.62 -2.90 14.63
CA PHE A 240 17.81 -3.98 14.09
C PHE A 240 16.60 -4.26 14.98
N LYS A 241 15.51 -4.66 14.35
CA LYS A 241 14.25 -4.99 15.02
C LYS A 241 14.37 -6.39 15.63
N ILE A 242 14.22 -6.47 16.95
CA ILE A 242 14.39 -7.72 17.70
C ILE A 242 13.07 -8.49 17.66
N THR A 243 12.99 -9.49 16.79
CA THR A 243 11.78 -10.27 16.61
C THR A 243 11.95 -11.72 17.06
N THR A 244 12.92 -12.44 16.50
CA THR A 244 13.11 -13.87 16.79
C THR A 244 14.01 -14.11 18.01
N GLN A 245 13.98 -15.37 18.48
CA GLN A 245 14.91 -15.82 19.54
C GLN A 245 16.37 -15.63 19.14
N LEU A 246 16.67 -15.67 17.83
CA LEU A 246 18.02 -15.37 17.38
C LEU A 246 18.37 -13.90 17.58
N ASP A 247 17.44 -13.01 17.25
CA ASP A 247 17.70 -11.58 17.40
C ASP A 247 18.01 -11.23 18.86
N LEU A 248 17.23 -11.76 19.80
CA LEU A 248 17.47 -11.41 21.21
C LEU A 248 18.83 -11.92 21.67
N LEU A 249 19.22 -13.12 21.23
CA LEU A 249 20.55 -13.63 21.59
C LEU A 249 21.64 -12.67 21.14
N LEU A 250 21.53 -12.16 19.90
CA LEU A 250 22.50 -11.17 19.45
C LEU A 250 22.47 -9.92 20.32
N ALA A 251 21.27 -9.40 20.58
CA ALA A 251 21.13 -8.23 21.45
C ALA A 251 21.71 -8.51 22.83
N GLU A 252 21.37 -9.66 23.42
CA GLU A 252 21.96 -10.02 24.70
C GLU A 252 23.48 -10.12 24.59
N THR A 253 23.98 -10.62 23.47
CA THR A 253 25.43 -10.70 23.28
C THR A 253 26.03 -9.31 23.15
N ILE A 254 25.37 -8.42 22.42
CA ILE A 254 25.88 -7.06 22.26
C ILE A 254 25.97 -6.37 23.62
N VAL A 255 24.94 -6.54 24.46
CA VAL A 255 24.88 -5.76 25.69
C VAL A 255 25.87 -6.30 26.72
N ARG A 256 25.97 -7.62 26.84
CA ARG A 256 26.92 -8.24 27.79
C ARG A 256 28.34 -8.19 27.22
N ARG A 257 28.84 -6.98 27.04
CA ARG A 257 30.14 -6.83 26.37
C ARG A 257 30.84 -5.50 26.65
N SER B 35 23.36 -37.41 -19.43
CA SER B 35 22.25 -37.03 -18.55
C SER B 35 22.71 -36.87 -17.10
N SER B 36 23.24 -37.98 -16.54
CA SER B 36 23.83 -38.07 -15.19
C SER B 36 22.84 -37.91 -14.05
N GLY B 37 22.04 -36.84 -14.06
CA GLY B 37 21.08 -36.64 -12.98
C GLY B 37 21.67 -36.27 -11.65
N THR B 38 22.97 -35.92 -11.61
CA THR B 38 23.64 -35.58 -10.37
C THR B 38 23.49 -34.09 -10.09
N VAL B 39 23.89 -33.71 -8.88
CA VAL B 39 23.82 -32.32 -8.43
C VAL B 39 25.23 -31.82 -8.12
N ALA B 40 25.62 -30.71 -8.74
CA ALA B 40 26.88 -30.04 -8.45
C ALA B 40 26.65 -28.70 -7.75
N ALA B 41 27.51 -28.37 -6.80
CA ALA B 41 27.49 -27.08 -6.14
C ALA B 41 28.84 -26.37 -6.33
N VAL B 42 28.77 -25.09 -6.66
CA VAL B 42 29.95 -24.26 -6.89
C VAL B 42 29.96 -23.16 -5.84
N VAL B 43 31.14 -22.91 -5.25
CA VAL B 43 31.33 -21.75 -4.38
C VAL B 43 32.32 -20.79 -5.03
N PRO B 44 31.86 -19.75 -5.72
CA PRO B 44 32.75 -18.76 -6.36
C PRO B 44 33.23 -17.73 -5.36
N ALA B 45 34.55 -17.63 -5.18
CA ALA B 45 35.13 -16.75 -4.17
C ALA B 45 36.32 -15.99 -4.76
N ALA B 46 36.05 -15.14 -5.74
CA ALA B 46 37.12 -14.38 -6.40
C ALA B 46 36.70 -12.91 -6.58
N ILE B 56 43.61 -10.79 -0.30
CA ILE B 56 43.08 -12.07 0.17
C ILE B 56 41.56 -12.05 0.20
N PRO B 57 40.92 -13.05 -0.43
CA PRO B 57 39.45 -13.13 -0.37
C PRO B 57 38.93 -13.21 1.07
N LYS B 58 37.83 -12.48 1.32
CA LYS B 58 37.16 -12.52 2.62
C LYS B 58 36.62 -13.92 2.94
N ALA B 59 36.46 -14.76 1.93
CA ALA B 59 35.97 -16.12 2.14
C ALA B 59 36.87 -16.92 3.07
N PHE B 60 38.12 -16.51 3.24
CA PHE B 60 39.02 -17.21 4.13
C PHE B 60 38.92 -16.74 5.58
N CYS B 61 38.20 -15.66 5.85
CA CYS B 61 38.03 -15.20 7.22
C CYS B 61 37.53 -16.33 8.10
N GLU B 62 38.13 -16.46 9.29
CA GLU B 62 37.80 -17.57 10.16
C GLU B 62 36.67 -17.20 11.10
N ILE B 63 35.73 -18.14 11.25
CA ILE B 63 34.63 -18.05 12.19
C ILE B 63 34.87 -19.19 13.17
N ASP B 64 35.15 -18.84 14.42
CA ASP B 64 35.55 -19.80 15.45
C ASP B 64 36.80 -20.47 14.88
N GLY B 65 36.81 -21.77 14.64
CA GLY B 65 38.00 -22.39 14.07
C GLY B 65 38.14 -22.28 12.55
N ALA B 66 37.06 -22.57 11.85
CA ALA B 66 37.08 -22.76 10.41
C ALA B 66 36.75 -21.49 9.63
N SER B 67 37.37 -21.39 8.44
CA SER B 67 37.08 -20.29 7.52
C SER B 67 35.64 -20.40 7.02
N MET B 68 35.10 -19.25 6.59
CA MET B 68 33.75 -19.26 6.02
C MET B 68 33.68 -20.24 4.85
N LEU B 69 34.71 -20.24 4.00
CA LEU B 69 34.72 -21.13 2.84
C LEU B 69 34.54 -22.59 3.28
N ALA B 70 35.28 -23.00 4.33
CA ALA B 70 35.17 -24.37 4.82
C ALA B 70 33.75 -24.66 5.30
N ARG B 71 33.17 -23.76 6.11
CA ARG B 71 31.82 -24.01 6.64
C ARG B 71 30.77 -24.07 5.55
N ALA B 72 30.86 -23.20 4.54
CA ALA B 72 29.89 -23.26 3.45
C ALA B 72 29.99 -24.58 2.71
N VAL B 73 31.22 -25.04 2.47
CA VAL B 73 31.40 -26.34 1.81
C VAL B 73 30.85 -27.45 2.69
N ALA B 74 31.16 -27.41 3.98
CA ALA B 74 30.63 -28.43 4.88
C ALA B 74 29.10 -28.44 4.83
N GLY B 75 28.47 -27.27 4.80
CA GLY B 75 27.03 -27.22 4.71
C GLY B 75 26.48 -27.93 3.49
N LEU B 76 27.06 -27.64 2.31
CA LEU B 76 26.65 -28.30 1.09
C LEU B 76 26.85 -29.81 1.18
N LEU B 77 28.00 -30.24 1.70
CA LEU B 77 28.27 -31.66 1.83
C LEU B 77 27.30 -32.29 2.82
N ASP B 78 27.09 -31.64 3.96
CA ASP B 78 26.19 -32.20 4.96
C ASP B 78 24.74 -32.24 4.50
N SER B 79 24.37 -31.52 3.44
CA SER B 79 23.02 -31.71 2.91
C SER B 79 22.79 -33.14 2.45
N LYS B 80 23.87 -33.83 2.07
CA LYS B 80 23.80 -35.20 1.59
C LYS B 80 22.97 -35.32 0.30
N VAL B 81 22.83 -34.23 -0.46
CA VAL B 81 22.15 -34.28 -1.75
C VAL B 81 22.97 -33.56 -2.83
N VAL B 82 24.19 -33.14 -2.50
CA VAL B 82 25.12 -32.58 -3.48
C VAL B 82 26.20 -33.61 -3.80
N ASP B 83 26.36 -33.95 -5.07
CA ASP B 83 27.33 -34.97 -5.42
C ASP B 83 28.75 -34.42 -5.57
N HIS B 84 28.90 -33.14 -5.94
CA HIS B 84 30.23 -32.58 -6.12
C HIS B 84 30.23 -31.11 -5.71
N VAL B 85 31.19 -30.71 -4.89
CA VAL B 85 31.37 -29.31 -4.49
C VAL B 85 32.71 -28.84 -5.05
N VAL B 86 32.67 -27.79 -5.86
CA VAL B 86 33.89 -27.18 -6.40
C VAL B 86 33.94 -25.74 -5.92
N VAL B 87 35.15 -25.31 -5.54
CA VAL B 87 35.40 -23.97 -5.06
C VAL B 87 36.26 -23.27 -6.10
N ALA B 88 35.89 -22.06 -6.46
CA ALA B 88 36.69 -21.25 -7.36
C ALA B 88 37.30 -20.12 -6.55
N VAL B 89 38.62 -20.01 -6.60
CA VAL B 89 39.34 -18.97 -5.87
C VAL B 89 40.34 -18.35 -6.83
N PRO B 90 40.99 -17.23 -6.49
CA PRO B 90 42.08 -16.73 -7.34
C PRO B 90 43.21 -17.76 -7.41
N ALA B 91 43.91 -17.76 -8.55
CA ALA B 91 44.92 -18.78 -8.84
C ALA B 91 45.93 -18.95 -7.70
N ASP B 92 46.43 -17.84 -7.16
CA ASP B 92 47.47 -17.89 -6.14
C ASP B 92 46.95 -18.29 -4.76
N ARG B 93 45.66 -18.57 -4.62
CA ARG B 93 45.10 -19.08 -3.38
C ARG B 93 44.61 -20.51 -3.50
N VAL B 94 44.84 -21.15 -4.65
CA VAL B 94 44.28 -22.47 -4.90
C VAL B 94 44.78 -23.49 -3.88
N ASP B 95 46.10 -23.61 -3.72
CA ASP B 95 46.61 -24.62 -2.80
C ASP B 95 46.16 -24.37 -1.37
N GLU B 96 46.11 -23.11 -0.95
CA GLU B 96 45.66 -22.79 0.39
C GLU B 96 44.20 -23.19 0.58
N ALA B 97 43.34 -22.79 -0.36
CA ALA B 97 41.94 -23.21 -0.32
C ALA B 97 41.82 -24.73 -0.29
N LYS B 98 42.65 -25.41 -1.09
CA LYS B 98 42.54 -26.86 -1.19
C LYS B 98 42.93 -27.55 0.12
N ARG B 99 43.99 -27.09 0.78
CA ARG B 99 44.39 -27.79 1.99
C ARG B 99 43.47 -27.49 3.18
N LEU B 100 42.61 -26.47 3.09
CA LEU B 100 41.73 -26.17 4.20
C LEU B 100 40.29 -26.65 3.99
N LEU B 101 40.02 -27.37 2.94
CA LEU B 101 38.65 -27.81 2.63
C LEU B 101 38.39 -29.26 3.04
N PRO B 102 37.13 -29.60 3.32
CA PRO B 102 36.76 -31.01 3.52
C PRO B 102 37.22 -31.85 2.33
N GLY B 103 37.63 -33.08 2.62
CA GLY B 103 38.30 -33.89 1.61
C GLY B 103 37.52 -34.11 0.33
N GLN B 104 36.18 -34.09 0.42
CA GLN B 104 35.38 -34.36 -0.76
C GLN B 104 35.42 -33.21 -1.78
N ALA B 105 35.80 -32.01 -1.37
CA ALA B 105 35.73 -30.84 -2.25
C ALA B 105 36.99 -30.65 -3.09
N THR B 106 36.81 -30.05 -4.28
CA THR B 106 37.88 -29.74 -5.20
C THR B 106 37.91 -28.24 -5.49
N VAL B 107 39.05 -27.78 -6.01
CA VAL B 107 39.32 -26.36 -6.20
C VAL B 107 39.78 -26.07 -7.63
N VAL B 108 39.21 -25.04 -8.25
CA VAL B 108 39.73 -24.50 -9.50
C VAL B 108 40.12 -23.04 -9.28
N ALA B 109 40.99 -22.56 -10.15
CA ALA B 109 41.24 -21.13 -10.23
C ALA B 109 40.07 -20.47 -10.93
N GLY B 110 39.53 -19.41 -10.32
CA GLY B 110 38.33 -18.80 -10.85
C GLY B 110 38.63 -17.92 -12.04
N GLY B 111 37.55 -17.38 -12.61
CA GLY B 111 37.63 -16.54 -13.79
C GLY B 111 37.52 -15.08 -13.43
N ALA B 112 37.27 -14.26 -14.46
CA ALA B 112 37.21 -12.81 -14.27
C ALA B 112 36.00 -12.39 -13.44
N ASP B 113 34.86 -13.06 -13.60
CA ASP B 113 33.67 -12.75 -12.84
C ASP B 113 33.08 -14.02 -12.24
N ARG B 114 31.94 -13.87 -11.57
CA ARG B 114 31.29 -15.01 -10.93
C ARG B 114 30.88 -16.07 -11.95
N THR B 115 30.27 -15.66 -13.06
CA THR B 115 29.77 -16.65 -14.03
C THR B 115 30.92 -17.41 -14.69
N ALA B 116 32.03 -16.72 -15.00
CA ALA B 116 33.22 -17.39 -15.54
C ALA B 116 33.77 -18.42 -14.56
N SER B 117 33.81 -18.08 -13.26
CA SER B 117 34.28 -19.04 -12.26
C SER B 117 33.35 -20.25 -12.18
N VAL B 118 32.03 -20.03 -12.26
CA VAL B 118 31.10 -21.16 -12.20
C VAL B 118 31.30 -22.08 -13.41
N ARG B 119 31.50 -21.51 -14.62
CA ARG B 119 31.73 -22.36 -15.79
C ARG B 119 32.97 -23.21 -15.63
N LEU B 120 34.07 -22.58 -15.18
CA LEU B 120 35.31 -23.32 -14.98
C LEU B 120 35.11 -24.41 -13.94
N ALA B 121 34.41 -24.10 -12.87
CA ALA B 121 34.15 -25.10 -11.85
C ALA B 121 33.37 -26.27 -12.44
N LEU B 122 32.45 -25.99 -13.38
CA LEU B 122 31.63 -27.05 -13.96
C LEU B 122 32.44 -27.97 -14.86
N ALA B 123 33.43 -27.44 -15.56
CA ALA B 123 34.31 -28.29 -16.35
C ALA B 123 35.13 -29.23 -15.47
N ALA B 124 35.27 -28.92 -14.18
CA ALA B 124 35.94 -29.81 -13.23
C ALA B 124 35.00 -30.80 -12.55
N VAL B 125 33.71 -30.77 -12.87
CA VAL B 125 32.76 -31.75 -12.34
C VAL B 125 32.63 -32.91 -13.33
N PRO B 126 32.81 -34.15 -12.90
CA PRO B 126 32.64 -35.27 -13.84
C PRO B 126 31.20 -35.42 -14.32
N GLY B 127 31.05 -35.95 -15.54
CA GLY B 127 29.76 -36.15 -16.15
C GLY B 127 29.09 -34.82 -16.51
N ASN B 128 27.78 -34.90 -16.71
CA ASN B 128 26.93 -33.73 -16.97
C ASN B 128 25.89 -33.66 -15.84
N PRO B 129 26.17 -32.92 -14.77
CA PRO B 129 25.19 -32.83 -13.68
C PRO B 129 23.87 -32.24 -14.16
N ALA B 130 22.76 -32.82 -13.71
CA ALA B 130 21.48 -32.26 -14.10
C ALA B 130 21.23 -30.92 -13.45
N PHE B 131 21.84 -30.64 -12.31
CA PHE B 131 21.55 -29.44 -11.54
C PHE B 131 22.83 -28.86 -10.97
N VAL B 132 22.89 -27.53 -10.94
CA VAL B 132 24.00 -26.77 -10.37
C VAL B 132 23.43 -25.84 -9.30
N LEU B 133 23.99 -25.92 -8.09
CA LEU B 133 23.72 -24.95 -7.03
C LEU B 133 24.89 -23.97 -6.96
N VAL B 134 24.61 -22.67 -6.89
CA VAL B 134 25.64 -21.63 -6.74
C VAL B 134 25.47 -20.96 -5.39
N HIS B 135 26.53 -20.94 -4.59
CA HIS B 135 26.42 -20.66 -3.16
C HIS B 135 27.39 -19.57 -2.71
N ASP B 136 26.90 -18.63 -1.92
CA ASP B 136 27.74 -17.58 -1.34
C ASP B 136 28.60 -18.19 -0.23
N ALA B 137 29.92 -18.02 -0.33
CA ALA B 137 30.78 -18.41 0.78
C ALA B 137 30.45 -17.60 2.03
N ALA B 138 29.99 -16.36 1.88
CA ALA B 138 29.68 -15.54 3.05
C ALA B 138 28.43 -16.00 3.79
N ARG B 139 27.61 -16.87 3.20
CA ARG B 139 26.50 -17.48 3.92
C ARG B 139 26.94 -18.81 4.56
N ALA B 140 27.97 -18.70 5.41
CA ALA B 140 28.69 -19.88 5.87
C ALA B 140 27.84 -20.79 6.75
N LEU B 141 26.85 -20.24 7.43
CA LEU B 141 26.05 -21.01 8.39
C LEU B 141 24.73 -21.48 7.79
N THR B 142 24.57 -21.42 6.47
CA THR B 142 23.40 -21.95 5.81
C THR B 142 23.10 -23.37 6.29
N PRO B 143 21.92 -23.63 6.82
CA PRO B 143 21.60 -24.97 7.35
C PRO B 143 21.44 -25.99 6.22
N PRO B 144 21.92 -27.22 6.43
CA PRO B 144 21.82 -28.25 5.38
C PRO B 144 20.40 -28.51 4.91
N ALA B 145 19.41 -28.35 5.78
CA ALA B 145 18.02 -28.61 5.38
C ALA B 145 17.55 -27.60 4.36
N LEU B 146 18.03 -26.35 4.43
CA LEU B 146 17.73 -25.36 3.40
C LEU B 146 18.28 -25.78 2.06
N ILE B 147 19.55 -26.18 2.03
CA ILE B 147 20.13 -26.66 0.78
C ILE B 147 19.30 -27.83 0.25
N ALA B 148 18.82 -28.68 1.17
CA ALA B 148 18.02 -29.84 0.78
C ALA B 148 16.70 -29.42 0.16
N ARG B 149 16.07 -28.35 0.64
CA ARG B 149 14.84 -27.86 0.03
C ARG B 149 15.05 -27.40 -1.41
N VAL B 150 16.15 -26.68 -1.67
CA VAL B 150 16.45 -26.21 -3.03
C VAL B 150 16.58 -27.39 -3.98
N VAL B 151 17.32 -28.42 -3.57
CA VAL B 151 17.50 -29.56 -4.45
C VAL B 151 16.17 -30.28 -4.66
N GLN B 152 15.37 -30.38 -3.60
CA GLN B 152 14.09 -31.08 -3.73
C GLN B 152 13.18 -30.40 -4.74
N ALA B 153 13.18 -29.07 -4.76
CA ALA B 153 12.32 -28.35 -5.69
C ALA B 153 12.78 -28.55 -7.12
N LEU B 154 14.08 -28.68 -7.35
CA LEU B 154 14.57 -29.02 -8.67
C LEU B 154 14.13 -30.42 -9.06
N ARG B 155 14.28 -31.38 -8.15
CA ARG B 155 13.80 -32.73 -8.42
C ARG B 155 12.32 -32.71 -8.77
N ASP B 156 11.56 -31.84 -8.11
CA ASP B 156 10.12 -31.74 -8.33
C ASP B 156 9.76 -31.18 -9.68
N GLY B 157 10.73 -30.71 -10.46
CA GLY B 157 10.48 -30.22 -11.81
C GLY B 157 10.69 -28.74 -12.01
N HIS B 158 10.87 -27.96 -10.94
CA HIS B 158 11.25 -26.56 -11.13
C HIS B 158 12.67 -26.48 -11.69
N ARG B 159 12.89 -25.56 -12.60
CA ARG B 159 14.17 -25.47 -13.28
C ARG B 159 15.07 -24.38 -12.71
N ALA B 160 14.54 -23.56 -11.81
CA ALA B 160 15.34 -22.51 -11.19
C ALA B 160 14.70 -22.20 -9.84
N VAL B 161 15.50 -22.26 -8.76
CA VAL B 161 14.99 -22.26 -7.40
C VAL B 161 15.91 -21.42 -6.54
N VAL B 162 15.34 -20.50 -5.76
CA VAL B 162 16.10 -19.75 -4.76
C VAL B 162 15.41 -19.87 -3.41
N PRO B 163 16.15 -19.81 -2.32
CA PRO B 163 15.52 -19.69 -1.00
C PRO B 163 15.21 -18.23 -0.72
N ALA B 164 14.14 -18.00 0.03
CA ALA B 164 13.72 -16.62 0.27
C ALA B 164 12.95 -16.52 1.57
N LEU B 165 12.97 -15.31 2.14
CA LEU B 165 12.31 -14.97 3.37
C LEU B 165 11.58 -13.65 3.22
N PRO B 166 10.50 -13.47 3.99
CA PRO B 166 9.87 -12.15 4.07
C PRO B 166 10.87 -11.10 4.53
N LEU B 167 10.64 -9.86 4.12
CA LEU B 167 11.57 -8.79 4.41
C LEU B 167 11.67 -8.59 5.92
N HIS B 168 12.85 -8.21 6.41
CA HIS B 168 12.99 -7.93 7.84
C HIS B 168 12.48 -6.53 8.16
N ASP B 169 12.95 -5.55 7.40
CA ASP B 169 12.61 -4.15 7.50
C ASP B 169 11.74 -3.74 6.31
N THR B 170 11.01 -2.64 6.47
CA THR B 170 10.37 -2.02 5.32
C THR B 170 11.46 -1.61 4.35
N VAL B 171 11.21 -1.83 3.07
CA VAL B 171 12.13 -1.50 2.00
C VAL B 171 11.54 -0.35 1.19
N LYS B 172 12.39 0.61 0.82
CA LYS B 172 11.97 1.77 0.04
C LYS B 172 12.92 2.00 -1.14
N ALA B 173 12.37 2.49 -2.26
CA ALA B 173 13.19 3.01 -3.35
C ALA B 173 13.64 4.42 -3.00
N VAL B 174 14.92 4.70 -3.26
CA VAL B 174 15.60 5.88 -2.77
C VAL B 174 16.52 6.40 -3.89
N ASP B 175 16.45 7.68 -4.20
CA ASP B 175 17.36 8.13 -5.23
C ASP B 175 18.76 8.32 -4.65
N ALA B 176 19.72 8.70 -5.50
CA ALA B 176 21.10 8.78 -5.07
C ALA B 176 21.35 9.93 -4.12
N ASN B 177 20.44 10.89 -4.01
CA ASN B 177 20.54 11.95 -3.02
C ASN B 177 19.90 11.59 -1.68
N GLY B 178 19.46 10.35 -1.51
CA GLY B 178 18.80 9.94 -0.29
C GLY B 178 17.34 10.32 -0.16
N VAL B 179 16.71 10.80 -1.21
CA VAL B 179 15.29 11.10 -1.16
C VAL B 179 14.52 9.83 -1.48
N VAL B 180 13.50 9.53 -0.67
CA VAL B 180 12.64 8.37 -0.91
C VAL B 180 11.80 8.61 -2.16
N LEU B 181 11.80 7.63 -3.05
CA LEU B 181 10.96 7.68 -4.24
C LEU B 181 9.60 7.01 -3.99
N GLY B 182 9.55 5.98 -3.15
CA GLY B 182 8.31 5.32 -2.84
C GLY B 182 8.57 4.05 -2.07
N THR B 183 7.47 3.44 -1.61
CA THR B 183 7.51 2.22 -0.80
C THR B 183 6.67 1.12 -1.45
N PRO B 184 7.26 0.14 -2.08
CA PRO B 184 6.46 -0.99 -2.58
C PRO B 184 5.89 -1.78 -1.41
N GLU B 185 4.71 -2.38 -1.63
CA GLU B 185 4.06 -3.20 -0.61
C GLU B 185 5.03 -4.28 -0.12
N ARG B 186 5.30 -4.26 1.19
CA ARG B 186 6.28 -5.18 1.76
C ARG B 186 5.93 -6.65 1.51
N ASP B 187 4.66 -7.01 1.65
CA ASP B 187 4.23 -8.40 1.49
C ASP B 187 4.52 -8.98 0.12
N GLY B 188 4.70 -8.15 -0.90
CA GLY B 188 4.97 -8.67 -2.22
C GLY B 188 6.43 -8.88 -2.48
N LEU B 189 7.28 -8.66 -1.49
CA LEU B 189 8.72 -8.79 -1.64
C LEU B 189 9.24 -9.92 -0.77
N ARG B 190 10.36 -10.50 -1.22
CA ARG B 190 11.11 -11.48 -0.46
C ARG B 190 12.58 -11.15 -0.53
N ALA B 191 13.29 -11.47 0.54
CA ALA B 191 14.75 -11.39 0.56
C ALA B 191 15.33 -12.74 0.19
N VAL B 192 16.21 -12.76 -0.81
CA VAL B 192 16.68 -13.99 -1.46
C VAL B 192 18.05 -14.34 -0.90
N GLN B 193 18.26 -15.63 -0.64
CA GLN B 193 19.55 -16.08 -0.14
C GLN B 193 20.16 -17.04 -1.16
N THR B 194 21.15 -17.83 -0.78
CA THR B 194 21.73 -18.89 -1.60
C THR B 194 21.79 -20.14 -0.74
N PRO B 195 22.02 -21.34 -1.35
CA PRO B 195 22.30 -21.69 -2.75
C PRO B 195 21.11 -21.45 -3.66
N GLN B 196 21.39 -20.96 -4.86
CA GLN B 196 20.39 -20.89 -5.92
C GLN B 196 20.62 -22.07 -6.85
N GLY B 197 19.56 -22.80 -7.19
CA GLY B 197 19.66 -24.06 -7.90
C GLY B 197 19.03 -23.94 -9.28
N PHE B 198 19.68 -24.58 -10.26
CA PHE B 198 19.28 -24.48 -11.65
C PHE B 198 19.51 -25.79 -12.39
N ALA B 199 18.59 -26.11 -13.30
CA ALA B 199 18.94 -27.00 -14.39
C ALA B 199 20.17 -26.41 -15.06
N THR B 200 21.19 -27.23 -15.22
CA THR B 200 22.52 -26.76 -15.62
C THR B 200 22.46 -25.97 -16.94
N ASP B 201 21.85 -26.55 -17.98
CA ASP B 201 21.78 -25.86 -19.28
C ASP B 201 21.09 -24.50 -19.20
N LEU B 202 20.04 -24.38 -18.39
CA LEU B 202 19.35 -23.10 -18.28
C LEU B 202 20.28 -22.04 -17.73
N LEU B 203 21.01 -22.36 -16.66
CA LEU B 203 21.95 -21.41 -16.09
C LEU B 203 23.02 -21.03 -17.10
N LEU B 204 23.53 -22.02 -17.85
CA LEU B 204 24.58 -21.73 -18.81
C LEU B 204 24.11 -20.83 -19.93
N ARG B 205 22.88 -21.07 -20.43
CA ARG B 205 22.27 -20.15 -21.40
C ARG B 205 22.10 -18.76 -20.79
N ALA B 206 21.69 -18.70 -19.52
CA ALA B 206 21.53 -17.40 -18.87
C ALA B 206 22.88 -16.68 -18.75
N TYR B 207 23.95 -17.42 -18.48
CA TYR B 207 25.26 -16.79 -18.37
C TYR B 207 25.73 -16.27 -19.72
N ALA B 208 25.48 -17.01 -20.78
CA ALA B 208 25.93 -16.57 -22.09
C ALA B 208 25.16 -15.33 -22.54
N ALA B 209 23.88 -15.24 -22.17
CA ALA B 209 23.06 -14.12 -22.60
C ALA B 209 23.36 -12.87 -21.80
N GLY B 210 23.82 -13.01 -20.56
CA GLY B 210 24.02 -11.84 -19.73
C GLY B 210 25.48 -11.52 -19.55
N ALA B 211 26.31 -12.11 -20.41
CA ALA B 211 27.76 -12.08 -20.27
C ALA B 211 28.33 -10.67 -20.12
N GLY B 212 29.14 -10.50 -19.08
CA GLY B 212 29.79 -9.24 -18.81
C GLY B 212 28.86 -8.08 -18.57
N THR B 213 27.66 -8.33 -18.07
CA THR B 213 26.66 -7.29 -17.88
C THR B 213 26.55 -6.97 -16.40
N ALA B 214 26.87 -5.71 -16.08
CA ALA B 214 26.81 -5.24 -14.71
C ALA B 214 25.37 -5.01 -14.29
N GLY B 215 25.13 -5.19 -13.00
CA GLY B 215 23.82 -4.90 -12.47
C GLY B 215 23.19 -6.16 -11.91
N PHE B 216 23.14 -7.22 -12.71
CA PHE B 216 22.63 -8.52 -12.26
C PHE B 216 23.24 -8.83 -10.89
N THR B 217 22.39 -8.79 -9.85
CA THR B 217 22.84 -8.98 -8.48
C THR B 217 22.81 -10.45 -8.05
N ASP B 218 22.15 -11.32 -8.81
CA ASP B 218 22.23 -12.73 -8.50
C ASP B 218 21.97 -13.58 -9.74
N ASP B 219 22.35 -14.85 -9.61
CA ASP B 219 22.21 -15.80 -10.71
C ASP B 219 20.78 -15.91 -11.20
N ALA B 220 19.81 -15.90 -10.27
CA ALA B 220 18.41 -16.02 -10.66
C ALA B 220 17.98 -14.88 -11.56
N SER B 221 18.50 -13.67 -11.30
CA SER B 221 18.22 -12.54 -12.19
C SER B 221 18.63 -12.86 -13.62
N LEU B 222 19.79 -13.48 -13.80
CA LEU B 222 20.21 -13.85 -15.14
C LEU B 222 19.22 -14.83 -15.77
N VAL B 223 18.72 -15.77 -14.99
CA VAL B 223 17.74 -16.70 -15.53
C VAL B 223 16.44 -15.97 -15.88
N GLU B 224 15.99 -15.07 -15.00
CA GLU B 224 14.82 -14.27 -15.31
C GLU B 224 15.02 -13.49 -16.61
N HIS B 225 16.23 -12.99 -16.83
CA HIS B 225 16.51 -12.15 -18.00
C HIS B 225 16.36 -12.91 -19.32
N VAL B 226 16.53 -14.25 -19.31
CA VAL B 226 16.36 -15.06 -20.53
C VAL B 226 14.99 -15.73 -20.61
N GLY B 227 14.07 -15.38 -19.71
CA GLY B 227 12.73 -15.93 -19.76
C GLY B 227 12.47 -17.10 -18.84
N GLY B 228 13.47 -17.56 -18.11
CA GLY B 228 13.26 -18.68 -17.19
C GLY B 228 12.41 -18.30 -15.99
N GLN B 229 11.58 -19.24 -15.55
CA GLN B 229 10.70 -19.04 -14.41
C GLN B 229 11.39 -19.49 -13.14
N VAL B 230 11.43 -18.62 -12.13
CA VAL B 230 12.12 -18.90 -10.87
C VAL B 230 11.10 -19.19 -9.78
N GLN B 231 11.39 -20.22 -8.99
CA GLN B 231 10.55 -20.67 -7.89
C GLN B 231 11.26 -20.44 -6.54
N VAL B 232 10.48 -20.01 -5.56
CA VAL B 232 10.99 -19.71 -4.24
C VAL B 232 10.71 -20.90 -3.33
N VAL B 233 11.71 -21.26 -2.51
CA VAL B 233 11.50 -22.12 -1.35
C VAL B 233 11.85 -21.31 -0.11
N ASP B 234 11.42 -21.80 1.05
CA ASP B 234 11.68 -21.10 2.30
C ASP B 234 13.16 -21.07 2.62
N GLY B 235 13.68 -19.87 2.91
CA GLY B 235 15.04 -19.72 3.39
C GLY B 235 15.16 -19.98 4.88
N ASP B 236 16.14 -19.30 5.49
CA ASP B 236 16.39 -19.47 6.92
C ASP B 236 17.21 -18.30 7.41
N PRO B 237 16.86 -17.69 8.55
CA PRO B 237 17.73 -16.62 9.10
C PRO B 237 19.20 -17.05 9.23
N LEU B 238 19.46 -18.33 9.48
CA LEU B 238 20.84 -18.77 9.63
C LEU B 238 21.65 -18.65 8.36
N ALA B 239 21.01 -18.44 7.20
CA ALA B 239 21.72 -18.31 5.94
C ALA B 239 22.11 -16.87 5.61
N PHE B 240 22.20 -16.00 6.61
CA PHE B 240 22.53 -14.60 6.36
C PHE B 240 23.96 -14.47 5.81
N LYS B 241 24.15 -13.48 4.93
CA LYS B 241 25.43 -13.20 4.33
C LYS B 241 26.27 -12.45 5.36
N ILE B 242 27.39 -13.04 5.78
CA ILE B 242 28.20 -12.47 6.85
C ILE B 242 29.13 -11.41 6.28
N THR B 243 28.71 -10.14 6.35
CA THR B 243 29.46 -9.02 5.79
C THR B 243 29.92 -8.05 6.87
N THR B 244 29.02 -7.59 7.73
CA THR B 244 29.41 -6.57 8.68
C THR B 244 30.17 -7.20 9.84
N GLN B 245 30.88 -6.36 10.58
CA GLN B 245 31.53 -6.80 11.79
C GLN B 245 30.53 -7.35 12.79
N LEU B 246 29.32 -6.78 12.83
CA LEU B 246 28.28 -7.32 13.69
C LEU B 246 27.86 -8.71 13.24
N ASP B 247 27.80 -8.92 11.91
CA ASP B 247 27.50 -10.25 11.40
C ASP B 247 28.48 -11.28 11.93
N LEU B 248 29.77 -10.94 11.96
CA LEU B 248 30.75 -11.90 12.47
C LEU B 248 30.45 -12.21 13.93
N LEU B 249 30.11 -11.18 14.71
CA LEU B 249 29.75 -11.38 16.10
C LEU B 249 28.56 -12.31 16.24
N LEU B 250 27.52 -12.09 15.46
CA LEU B 250 26.39 -13.01 15.49
C LEU B 250 26.83 -14.41 15.12
N ALA B 251 27.56 -14.54 14.00
CA ALA B 251 28.01 -15.86 13.55
C ALA B 251 28.87 -16.54 14.60
N GLU B 252 29.83 -15.81 15.18
CA GLU B 252 30.70 -16.39 16.19
C GLU B 252 29.89 -16.90 17.37
N THR B 253 28.81 -16.19 17.71
CA THR B 253 27.93 -16.60 18.78
C THR B 253 27.13 -17.85 18.41
N ILE B 254 26.60 -17.91 17.18
CA ILE B 254 25.74 -19.02 16.77
C ILE B 254 26.45 -20.36 16.89
N VAL B 255 27.71 -20.44 16.43
CA VAL B 255 28.32 -21.76 16.34
C VAL B 255 28.73 -22.26 17.71
N ARG B 256 29.14 -21.37 18.62
CA ARG B 256 29.57 -21.78 19.95
C ARG B 256 28.37 -22.23 20.78
N ARG B 257 28.43 -23.46 21.28
CA ARG B 257 27.36 -24.11 22.03
C ARG B 257 26.07 -24.20 21.22
N GLY C 37 -36.05 10.27 24.27
CA GLY C 37 -35.51 9.05 23.64
C GLY C 37 -35.90 8.89 22.17
N THR C 38 -36.46 9.94 21.60
CA THR C 38 -36.97 9.93 20.25
C THR C 38 -35.88 10.26 19.23
N VAL C 39 -36.19 10.05 17.95
CA VAL C 39 -35.30 10.29 16.84
C VAL C 39 -35.90 11.37 15.94
N ALA C 40 -35.12 12.41 15.67
CA ALA C 40 -35.53 13.45 14.74
C ALA C 40 -34.65 13.44 13.49
N ALA C 41 -35.26 13.64 12.32
CA ALA C 41 -34.51 13.79 11.09
C ALA C 41 -34.80 15.15 10.45
N VAL C 42 -33.73 15.83 10.06
CA VAL C 42 -33.79 17.16 9.47
C VAL C 42 -33.26 17.08 8.05
N VAL C 43 -34.01 17.65 7.11
CA VAL C 43 -33.58 17.80 5.72
C VAL C 43 -33.34 19.28 5.49
N PRO C 44 -32.10 19.75 5.60
CA PRO C 44 -31.81 21.17 5.34
C PRO C 44 -31.71 21.43 3.85
N ALA C 45 -32.60 22.26 3.33
CA ALA C 45 -32.64 22.57 1.92
C ALA C 45 -32.94 24.07 1.77
N ALA C 46 -32.10 24.91 2.40
CA ALA C 46 -32.36 26.36 2.46
C ALA C 46 -31.11 27.17 2.15
N LYS C 58 -32.32 22.90 -6.13
CA LYS C 58 -32.68 21.71 -6.90
C LYS C 58 -33.54 20.77 -6.08
N ALA C 59 -33.71 21.08 -4.79
CA ALA C 59 -34.48 20.18 -3.92
C ALA C 59 -35.92 19.98 -4.39
N PHE C 60 -36.47 20.92 -5.15
CA PHE C 60 -37.84 20.79 -5.64
C PHE C 60 -37.91 20.12 -7.00
N CYS C 61 -36.76 19.87 -7.62
CA CYS C 61 -36.74 19.15 -8.88
C CYS C 61 -37.53 17.86 -8.72
N GLU C 62 -38.37 17.58 -9.70
CA GLU C 62 -39.28 16.43 -9.67
C GLU C 62 -38.62 15.21 -10.31
N ILE C 63 -38.83 14.05 -9.70
CA ILE C 63 -38.38 12.78 -10.23
C ILE C 63 -39.60 11.91 -10.47
N ASP C 64 -39.97 11.72 -11.74
CA ASP C 64 -41.18 10.96 -12.08
C ASP C 64 -42.39 11.52 -11.34
N GLY C 65 -42.50 12.85 -11.34
CA GLY C 65 -43.60 13.56 -10.72
C GLY C 65 -43.26 14.19 -9.39
N ALA C 66 -42.64 13.42 -8.50
CA ALA C 66 -42.44 13.83 -7.12
C ALA C 66 -41.08 14.49 -6.96
N SER C 67 -41.05 15.52 -6.13
CA SER C 67 -39.83 16.25 -5.87
C SER C 67 -38.84 15.39 -5.08
N MET C 68 -37.56 15.74 -5.22
CA MET C 68 -36.52 15.08 -4.43
C MET C 68 -36.81 15.25 -2.95
N LEU C 69 -37.24 16.44 -2.56
CA LEU C 69 -37.59 16.70 -1.16
C LEU C 69 -38.65 15.72 -0.68
N ALA C 70 -39.70 15.54 -1.49
CA ALA C 70 -40.78 14.63 -1.10
C ALA C 70 -40.28 13.21 -0.92
N ARG C 71 -39.50 12.72 -1.89
CA ARG C 71 -39.05 11.33 -1.87
C ARG C 71 -38.12 11.06 -0.70
N ALA C 72 -37.27 12.03 -0.37
CA ALA C 72 -36.35 11.90 0.75
C ALA C 72 -37.10 11.82 2.08
N VAL C 73 -38.15 12.63 2.24
CA VAL C 73 -38.97 12.58 3.44
C VAL C 73 -39.67 11.24 3.53
N ALA C 74 -40.24 10.77 2.42
CA ALA C 74 -40.87 9.46 2.39
C ALA C 74 -39.90 8.36 2.81
N GLY C 75 -38.64 8.47 2.37
CA GLY C 75 -37.62 7.52 2.79
C GLY C 75 -37.38 7.53 4.29
N LEU C 76 -37.29 8.72 4.87
CA LEU C 76 -37.12 8.82 6.32
C LEU C 76 -38.33 8.26 7.06
N LEU C 77 -39.54 8.55 6.58
CA LEU C 77 -40.72 8.05 7.26
C LEU C 77 -40.83 6.53 7.12
N ASP C 78 -40.65 6.01 5.91
CA ASP C 78 -40.83 4.60 5.66
C ASP C 78 -39.82 3.73 6.37
N SER C 79 -38.72 4.31 6.85
CA SER C 79 -37.79 3.59 7.72
C SER C 79 -38.44 3.14 9.01
N LYS C 80 -39.57 3.76 9.38
N LYS C 80 -39.64 3.65 9.32
CA LYS C 80 -40.37 3.39 10.56
CA LYS C 80 -40.46 3.19 10.45
C LYS C 80 -39.58 3.50 11.85
C LYS C 80 -39.84 3.62 11.78
N VAL C 81 -38.57 4.36 11.90
N VAL C 81 -38.52 3.71 11.84
CA VAL C 81 -37.70 4.41 13.06
CA VAL C 81 -37.87 4.49 12.89
C VAL C 81 -37.31 5.86 13.35
C VAL C 81 -38.02 5.95 12.46
N VAL C 82 -37.91 6.78 12.59
N VAL C 82 -37.35 6.85 13.19
CA VAL C 82 -37.72 8.22 12.78
CA VAL C 82 -37.46 8.30 12.97
C VAL C 82 -39.02 8.78 13.33
C VAL C 82 -38.87 8.75 13.36
N ASP C 83 -38.94 9.49 14.46
CA ASP C 83 -40.17 9.97 15.08
C ASP C 83 -40.64 11.31 14.50
N HIS C 84 -39.72 12.16 14.04
CA HIS C 84 -40.06 13.47 13.50
C HIS C 84 -39.16 13.82 12.33
N VAL C 85 -39.79 14.22 11.22
CA VAL C 85 -39.10 14.67 10.03
C VAL C 85 -39.46 16.14 9.83
N VAL C 86 -38.47 17.02 9.88
CA VAL C 86 -38.64 18.44 9.65
C VAL C 86 -37.78 18.86 8.48
N VAL C 87 -38.33 19.71 7.61
CA VAL C 87 -37.66 20.20 6.43
C VAL C 87 -37.40 21.70 6.61
N ALA C 88 -36.17 22.14 6.27
CA ALA C 88 -35.82 23.56 6.26
C ALA C 88 -35.67 24.03 4.82
N VAL C 89 -36.43 25.05 4.44
CA VAL C 89 -36.41 25.60 3.09
C VAL C 89 -36.29 27.12 3.21
N PRO C 90 -36.02 27.85 2.14
CA PRO C 90 -36.04 29.32 2.23
C PRO C 90 -37.42 29.81 2.65
N ALA C 91 -37.44 30.97 3.33
CA ALA C 91 -38.68 31.54 3.86
C ALA C 91 -39.78 31.60 2.80
N ASP C 92 -39.44 32.04 1.59
CA ASP C 92 -40.42 32.20 0.51
C ASP C 92 -40.84 30.89 -0.13
N ARG C 93 -40.30 29.76 0.29
CA ARG C 93 -40.71 28.46 -0.23
C ARG C 93 -41.38 27.57 0.83
N VAL C 94 -41.62 28.09 2.04
CA VAL C 94 -42.13 27.28 3.14
C VAL C 94 -43.52 26.71 2.81
N ASP C 95 -44.47 27.58 2.47
CA ASP C 95 -45.83 27.10 2.23
C ASP C 95 -45.87 26.11 1.07
N GLU C 96 -45.08 26.35 0.03
CA GLU C 96 -45.06 25.43 -1.10
C GLU C 96 -44.47 24.08 -0.69
N ALA C 97 -43.35 24.09 0.05
CA ALA C 97 -42.76 22.86 0.57
C ALA C 97 -43.79 22.08 1.37
N LYS C 98 -44.61 22.78 2.14
CA LYS C 98 -45.59 22.11 2.97
C LYS C 98 -46.62 21.40 2.11
N ARG C 99 -47.01 21.99 0.98
CA ARG C 99 -48.01 21.36 0.14
C ARG C 99 -47.49 20.08 -0.50
N LEU C 100 -46.19 19.89 -0.55
CA LEU C 100 -45.68 18.69 -1.19
C LEU C 100 -45.24 17.63 -0.20
N LEU C 101 -45.39 17.89 1.17
CA LEU C 101 -44.70 16.82 1.90
C LEU C 101 -45.66 15.72 2.36
N PRO C 102 -45.13 14.48 2.48
CA PRO C 102 -45.92 13.35 3.01
C PRO C 102 -46.51 13.54 4.40
N GLY C 103 -47.71 14.13 4.48
CA GLY C 103 -48.42 14.45 5.70
C GLY C 103 -47.72 14.66 7.04
N GLN C 104 -47.02 13.64 7.57
CA GLN C 104 -46.49 13.82 8.92
C GLN C 104 -45.32 14.79 9.02
N ALA C 105 -44.64 15.12 7.93
CA ALA C 105 -43.48 15.99 8.09
C ALA C 105 -43.91 17.44 8.21
N THR C 106 -43.07 18.23 8.86
CA THR C 106 -43.28 19.65 9.07
C THR C 106 -42.16 20.47 8.44
N VAL C 107 -42.40 21.77 8.28
CA VAL C 107 -41.53 22.68 7.54
C VAL C 107 -41.19 23.92 8.38
N VAL C 108 -39.89 24.27 8.44
CA VAL C 108 -39.49 25.56 9.01
C VAL C 108 -38.78 26.39 7.94
N ALA C 109 -38.82 27.71 8.13
CA ALA C 109 -37.98 28.58 7.33
C ALA C 109 -36.56 28.45 7.85
N GLY C 110 -35.62 28.18 6.95
CA GLY C 110 -34.27 27.85 7.33
C GLY C 110 -33.43 29.07 7.61
N GLY C 111 -32.19 28.80 8.01
CA GLY C 111 -31.24 29.84 8.36
C GLY C 111 -30.25 30.11 7.25
N ALA C 112 -29.22 30.89 7.61
CA ALA C 112 -28.24 31.30 6.61
C ALA C 112 -27.36 30.14 6.17
N ASP C 113 -26.86 29.35 7.12
CA ASP C 113 -26.07 28.17 6.78
C ASP C 113 -26.85 26.91 7.13
N ARG C 114 -26.22 25.76 6.85
CA ARG C 114 -26.85 24.46 7.09
C ARG C 114 -27.07 24.20 8.57
N THR C 115 -26.09 24.48 9.43
CA THR C 115 -26.24 24.22 10.86
C THR C 115 -27.31 25.12 11.49
N ALA C 116 -27.40 26.37 11.06
CA ALA C 116 -28.49 27.23 11.55
C ALA C 116 -29.85 26.62 11.21
N SER C 117 -30.01 26.11 9.98
CA SER C 117 -31.27 25.48 9.62
C SER C 117 -31.58 24.28 10.51
N VAL C 118 -30.56 23.47 10.84
CA VAL C 118 -30.80 22.31 11.70
C VAL C 118 -31.22 22.75 13.09
N ARG C 119 -30.54 23.75 13.65
CA ARG C 119 -30.91 24.26 14.97
C ARG C 119 -32.35 24.76 14.95
N LEU C 120 -32.72 25.50 13.91
CA LEU C 120 -34.10 25.95 13.81
C LEU C 120 -35.08 24.78 13.70
N ALA C 121 -34.74 23.76 12.90
CA ALA C 121 -35.63 22.62 12.73
C ALA C 121 -35.85 21.88 14.05
N LEU C 122 -34.80 21.79 14.89
CA LEU C 122 -34.90 21.07 16.15
C LEU C 122 -35.84 21.78 17.10
N ALA C 123 -35.87 23.11 17.04
CA ALA C 123 -36.83 23.88 17.83
C ALA C 123 -38.26 23.55 17.47
N ALA C 124 -38.50 23.05 16.26
CA ALA C 124 -39.83 22.66 15.84
C ALA C 124 -40.15 21.21 16.16
N VAL C 125 -39.21 20.48 16.74
CA VAL C 125 -39.46 19.11 17.20
C VAL C 125 -39.89 19.15 18.66
N PRO C 126 -41.01 18.52 19.03
CA PRO C 126 -41.42 18.49 20.44
C PRO C 126 -40.43 17.71 21.29
N GLY C 127 -40.36 18.10 22.56
CA GLY C 127 -39.53 17.38 23.49
C GLY C 127 -38.04 17.54 23.22
N ASN C 128 -37.27 16.60 23.77
CA ASN C 128 -35.82 16.54 23.61
C ASN C 128 -35.43 15.22 22.96
N PRO C 129 -35.40 15.16 21.63
CA PRO C 129 -35.02 13.92 20.96
C PRO C 129 -33.60 13.54 21.34
N ALA C 130 -33.40 12.24 21.58
CA ALA C 130 -32.07 11.76 21.89
C ALA C 130 -31.15 11.82 20.67
N PHE C 131 -31.70 11.76 19.46
CA PHE C 131 -30.86 11.62 18.28
C PHE C 131 -31.38 12.49 17.14
N VAL C 132 -30.45 13.08 16.40
CA VAL C 132 -30.75 13.89 15.23
C VAL C 132 -30.04 13.29 14.01
N LEU C 133 -30.83 13.03 12.98
CA LEU C 133 -30.34 12.64 11.66
C LEU C 133 -30.41 13.86 10.74
N VAL C 134 -29.31 14.13 10.03
CA VAL C 134 -29.30 15.21 9.06
C VAL C 134 -29.14 14.58 7.67
N HIS C 135 -30.07 14.92 6.76
CA HIS C 135 -30.23 14.17 5.52
C HIS C 135 -30.23 15.12 4.34
N ASP C 136 -29.39 14.81 3.35
CA ASP C 136 -29.35 15.58 2.10
C ASP C 136 -30.55 15.22 1.23
N ALA C 137 -31.33 16.22 0.84
CA ALA C 137 -32.50 15.97 -0.01
C ALA C 137 -32.12 15.35 -1.35
N ALA C 138 -30.91 15.62 -1.83
CA ALA C 138 -30.53 15.13 -3.15
C ALA C 138 -30.35 13.62 -3.17
N ARG C 139 -30.24 12.98 -2.02
CA ARG C 139 -30.17 11.52 -1.93
C ARG C 139 -31.58 10.94 -1.81
N ALA C 140 -32.40 11.27 -2.81
CA ALA C 140 -33.84 11.04 -2.71
C ALA C 140 -34.20 9.57 -2.63
N LEU C 141 -33.35 8.68 -3.16
CA LEU C 141 -33.66 7.25 -3.23
C LEU C 141 -32.99 6.42 -2.13
N THR C 142 -32.43 7.05 -1.10
CA THR C 142 -31.89 6.34 0.05
C THR C 142 -32.88 5.29 0.56
N PRO C 143 -32.50 4.01 0.61
CA PRO C 143 -33.43 2.97 1.05
C PRO C 143 -33.71 3.05 2.54
N PRO C 144 -34.95 2.78 2.94
CA PRO C 144 -35.32 2.84 4.36
C PRO C 144 -34.45 2.00 5.28
N ALA C 145 -33.94 0.86 4.80
CA ALA C 145 -33.10 0.02 5.64
C ALA C 145 -31.76 0.69 5.95
N LEU C 146 -31.22 1.49 5.02
CA LEU C 146 -30.00 2.23 5.33
C LEU C 146 -30.24 3.17 6.49
N ILE C 147 -31.33 3.93 6.42
CA ILE C 147 -31.68 4.84 7.53
C ILE C 147 -31.82 4.04 8.81
N ALA C 148 -32.42 2.86 8.74
CA ALA C 148 -32.57 2.06 9.95
C ALA C 148 -31.21 1.62 10.50
N ARG C 149 -30.26 1.32 9.61
CA ARG C 149 -28.93 0.96 10.09
C ARG C 149 -28.30 2.11 10.87
N VAL C 150 -28.47 3.33 10.39
CA VAL C 150 -27.95 4.50 11.09
C VAL C 150 -28.60 4.65 12.45
N VAL C 151 -29.93 4.52 12.51
CA VAL C 151 -30.60 4.73 13.79
C VAL C 151 -30.25 3.62 14.76
N GLN C 152 -30.16 2.37 14.28
CA GLN C 152 -29.88 1.26 15.17
C GLN C 152 -28.50 1.39 15.79
N ALA C 153 -27.53 1.95 15.05
CA ALA C 153 -26.20 2.15 15.60
C ALA C 153 -26.21 3.19 16.71
N LEU C 154 -27.06 4.21 16.58
CA LEU C 154 -27.24 5.16 17.67
C LEU C 154 -27.85 4.47 18.89
N ARG C 155 -28.88 3.65 18.68
CA ARG C 155 -29.45 2.87 19.78
C ARG C 155 -28.41 1.96 20.42
N ASP C 156 -27.48 1.42 19.61
CA ASP C 156 -26.46 0.54 20.18
C ASP C 156 -25.41 1.29 20.98
N GLY C 157 -25.43 2.62 21.00
CA GLY C 157 -24.51 3.37 21.84
C GLY C 157 -23.50 4.25 21.12
N HIS C 158 -23.38 4.18 19.79
CA HIS C 158 -22.55 5.14 19.08
C HIS C 158 -23.21 6.50 19.10
N ARG C 159 -22.40 7.56 19.23
CA ARG C 159 -22.91 8.91 19.32
C ARG C 159 -22.81 9.68 18.01
N ALA C 160 -22.20 9.11 16.98
CA ALA C 160 -22.10 9.73 15.67
C ALA C 160 -21.87 8.63 14.66
N VAL C 161 -22.73 8.56 13.63
CA VAL C 161 -22.81 7.41 12.73
C VAL C 161 -23.02 7.93 11.32
N VAL C 162 -22.28 7.40 10.35
CA VAL C 162 -22.52 7.75 8.96
C VAL C 162 -22.64 6.50 8.10
N PRO C 163 -23.45 6.51 7.04
CA PRO C 163 -23.41 5.39 6.09
C PRO C 163 -22.29 5.63 5.09
N ALA C 164 -21.69 4.53 4.63
CA ALA C 164 -20.55 4.68 3.74
C ALA C 164 -20.39 3.43 2.89
N LEU C 165 -19.70 3.60 1.76
CA LEU C 165 -19.44 2.57 0.76
C LEU C 165 -17.96 2.53 0.38
N PRO C 166 -17.47 1.33 0.03
CA PRO C 166 -16.13 1.24 -0.57
C PRO C 166 -16.06 2.08 -1.83
N LEU C 167 -14.86 2.55 -2.13
CA LEU C 167 -14.65 3.40 -3.30
C LEU C 167 -14.85 2.63 -4.59
N HIS C 168 -15.42 3.32 -5.59
CA HIS C 168 -15.47 2.76 -6.95
C HIS C 168 -14.13 2.98 -7.62
N ASP C 169 -13.63 4.19 -7.52
CA ASP C 169 -12.39 4.63 -8.13
C ASP C 169 -11.29 4.73 -7.09
N THR C 170 -10.06 4.59 -7.56
CA THR C 170 -8.91 4.93 -6.75
C THR C 170 -8.91 6.44 -6.49
N VAL C 171 -8.66 6.83 -5.26
CA VAL C 171 -8.62 8.24 -4.89
C VAL C 171 -7.18 8.59 -4.59
N LYS C 172 -6.71 9.69 -5.14
CA LYS C 172 -5.34 10.14 -4.99
C LYS C 172 -5.35 11.57 -4.49
N ALA C 173 -4.32 11.90 -3.72
CA ALA C 173 -4.05 13.29 -3.38
C ALA C 173 -3.30 13.94 -4.54
N VAL C 174 -3.73 15.15 -4.91
CA VAL C 174 -3.34 15.85 -6.14
C VAL C 174 -3.15 17.33 -5.81
N ASP C 175 -2.01 17.90 -6.19
CA ASP C 175 -1.71 19.31 -5.92
C ASP C 175 -2.44 20.23 -6.91
N ALA C 176 -2.17 21.53 -6.78
CA ALA C 176 -2.91 22.50 -7.60
C ALA C 176 -2.52 22.46 -9.06
N ASN C 177 -1.37 21.87 -9.40
CA ASN C 177 -0.96 21.68 -10.78
C ASN C 177 -1.48 20.38 -11.38
N GLY C 178 -2.29 19.63 -10.65
CA GLY C 178 -2.67 18.33 -11.16
C GLY C 178 -1.61 17.25 -11.01
N VAL C 179 -0.57 17.49 -10.22
CA VAL C 179 0.45 16.48 -9.98
C VAL C 179 0.01 15.59 -8.82
N VAL C 180 0.11 14.28 -9.01
CA VAL C 180 -0.22 13.33 -7.96
C VAL C 180 0.77 13.46 -6.83
N LEU C 181 0.27 13.62 -5.62
CA LEU C 181 1.14 13.67 -4.47
C LEU C 181 1.31 12.31 -3.84
N GLY C 182 0.29 11.49 -3.89
CA GLY C 182 0.37 10.13 -3.38
C GLY C 182 -1.01 9.49 -3.42
N THR C 183 -1.04 8.20 -3.12
CA THR C 183 -2.28 7.43 -3.12
C THR C 183 -2.48 6.75 -1.77
N PRO C 184 -3.42 7.22 -0.94
CA PRO C 184 -3.76 6.47 0.27
C PRO C 184 -4.40 5.17 -0.16
N GLU C 185 -4.17 4.14 0.65
CA GLU C 185 -4.70 2.80 0.41
C GLU C 185 -6.21 2.83 0.25
N ARG C 186 -6.69 2.35 -0.88
CA ARG C 186 -8.14 2.42 -1.12
C ARG C 186 -8.94 1.69 -0.05
N ASP C 187 -8.51 0.49 0.37
CA ASP C 187 -9.29 -0.29 1.34
C ASP C 187 -9.51 0.42 2.66
N GLY C 188 -8.69 1.42 2.97
CA GLY C 188 -8.83 2.22 4.17
C GLY C 188 -9.70 3.45 4.01
N LEU C 189 -10.29 3.64 2.83
CA LEU C 189 -11.15 4.79 2.57
C LEU C 189 -12.59 4.36 2.36
N ARG C 190 -13.51 5.27 2.71
CA ARG C 190 -14.93 5.08 2.45
C ARG C 190 -15.51 6.37 1.89
N ALA C 191 -16.51 6.20 1.01
CA ALA C 191 -17.31 7.31 0.49
C ALA C 191 -18.58 7.43 1.31
N VAL C 192 -18.82 8.61 1.87
CA VAL C 192 -19.83 8.82 2.89
C VAL C 192 -21.10 9.36 2.26
N GLN C 193 -22.25 8.87 2.77
CA GLN C 193 -23.56 9.33 2.34
C GLN C 193 -24.31 9.97 3.51
N THR C 194 -25.61 10.11 3.39
CA THR C 194 -26.48 10.58 4.47
C THR C 194 -27.70 9.66 4.52
N PRO C 195 -28.51 9.74 5.59
CA PRO C 195 -28.48 10.60 6.77
C PRO C 195 -27.31 10.30 7.67
N GLN C 196 -26.74 11.35 8.27
CA GLN C 196 -25.77 11.22 9.33
C GLN C 196 -26.49 11.44 10.66
N GLY C 197 -26.26 10.53 11.61
CA GLY C 197 -27.02 10.49 12.85
C GLY C 197 -26.14 10.78 14.04
N PHE C 198 -26.69 11.54 14.99
CA PHE C 198 -25.92 12.02 16.12
C PHE C 198 -26.75 12.00 17.40
N ALA C 199 -26.09 11.74 18.51
CA ALA C 199 -26.58 12.23 19.78
C ALA C 199 -26.77 13.74 19.67
N THR C 200 -27.96 14.21 20.02
CA THR C 200 -28.34 15.59 19.71
C THR C 200 -27.35 16.59 20.28
N ASP C 201 -27.03 16.47 21.57
CA ASP C 201 -26.12 17.40 22.21
C ASP C 201 -24.74 17.40 21.54
N LEU C 202 -24.26 16.22 21.11
CA LEU C 202 -22.96 16.17 20.47
C LEU C 202 -22.96 16.99 19.19
N LEU C 203 -24.00 16.84 18.36
CA LEU C 203 -24.09 17.65 17.15
C LEU C 203 -24.14 19.13 17.49
N LEU C 204 -24.97 19.51 18.45
CA LEU C 204 -25.10 20.91 18.83
C LEU C 204 -23.80 21.44 19.44
N ARG C 205 -23.15 20.61 20.26
CA ARG C 205 -21.83 20.98 20.77
C ARG C 205 -20.86 21.25 19.63
N ALA C 206 -20.86 20.40 18.61
CA ALA C 206 -20.01 20.60 17.44
C ALA C 206 -20.44 21.81 16.61
N TYR C 207 -21.74 22.09 16.55
CA TYR C 207 -22.20 23.25 15.79
C TYR C 207 -21.71 24.54 16.42
N ALA C 208 -21.73 24.61 17.75
CA ALA C 208 -21.26 25.79 18.46
C ALA C 208 -19.76 26.01 18.31
N ALA C 209 -18.99 24.92 18.18
CA ALA C 209 -17.53 25.03 18.08
C ALA C 209 -17.06 25.36 16.68
N GLY C 210 -17.83 24.99 15.66
CA GLY C 210 -17.40 25.07 14.28
C GLY C 210 -17.95 26.29 13.56
N ALA C 211 -18.38 27.29 14.33
CA ALA C 211 -19.02 28.49 13.80
C ALA C 211 -18.15 29.20 12.76
N GLY C 212 -18.33 28.86 11.48
CA GLY C 212 -17.53 29.43 10.40
C GLY C 212 -16.80 28.41 9.56
N THR C 213 -17.35 27.21 9.44
CA THR C 213 -16.68 26.15 8.70
C THR C 213 -17.32 25.82 7.35
N PHE C 216 -15.85 22.97 7.18
CA PHE C 216 -15.87 21.51 7.10
C PHE C 216 -16.79 21.07 5.97
N THR C 217 -16.69 19.80 5.61
CA THR C 217 -17.38 19.29 4.44
C THR C 217 -18.60 18.41 4.76
N ASP C 218 -18.88 18.14 6.03
CA ASP C 218 -20.10 17.44 6.42
C ASP C 218 -20.21 17.47 7.94
N ASP C 219 -21.44 17.22 8.41
CA ASP C 219 -21.73 17.26 9.83
C ASP C 219 -20.77 16.38 10.64
N ALA C 220 -20.48 15.18 10.14
CA ALA C 220 -19.57 14.29 10.87
C ALA C 220 -18.20 14.92 11.04
N SER C 221 -17.74 15.69 10.05
CA SER C 221 -16.46 16.39 10.17
C SER C 221 -16.47 17.34 11.36
N LEU C 222 -17.55 18.09 11.55
CA LEU C 222 -17.65 19.00 12.69
C LEU C 222 -17.58 18.22 13.99
N VAL C 223 -18.22 17.05 14.03
CA VAL C 223 -18.19 16.22 15.24
C VAL C 223 -16.81 15.65 15.49
N GLU C 224 -16.16 15.11 14.46
CA GLU C 224 -14.79 14.61 14.60
C GLU C 224 -13.87 15.69 15.14
N HIS C 225 -14.02 16.92 14.63
CA HIS C 225 -13.16 18.01 15.06
C HIS C 225 -13.36 18.35 16.54
N VAL C 226 -14.56 18.11 17.07
CA VAL C 226 -14.81 18.45 18.46
C VAL C 226 -14.51 17.30 19.39
N GLY C 227 -13.98 16.19 18.86
CA GLY C 227 -13.62 15.05 19.66
C GLY C 227 -14.61 13.91 19.66
N GLY C 228 -15.74 14.03 18.98
CA GLY C 228 -16.65 12.91 18.88
C GLY C 228 -16.06 11.80 18.03
N GLN C 229 -16.40 10.57 18.36
CA GLN C 229 -15.92 9.42 17.63
C GLN C 229 -17.03 8.96 16.70
N VAL C 230 -16.73 8.87 15.41
CA VAL C 230 -17.72 8.60 14.37
C VAL C 230 -17.62 7.13 13.97
N GLN C 231 -18.78 6.47 13.86
CA GLN C 231 -18.87 5.07 13.46
C GLN C 231 -19.51 4.99 12.07
N VAL C 232 -19.00 4.10 11.23
CA VAL C 232 -19.50 3.89 9.88
C VAL C 232 -20.38 2.64 9.86
N VAL C 233 -21.53 2.73 9.19
CA VAL C 233 -22.33 1.56 8.86
C VAL C 233 -22.42 1.46 7.33
N ASP C 234 -22.90 0.31 6.86
CA ASP C 234 -23.00 0.07 5.42
C ASP C 234 -23.93 1.09 4.79
N GLY C 235 -23.46 1.77 3.74
CA GLY C 235 -24.31 2.61 2.92
C GLY C 235 -25.04 1.79 1.87
N ASP C 236 -25.36 2.43 0.73
CA ASP C 236 -26.08 1.78 -0.34
C ASP C 236 -25.89 2.54 -1.65
N PRO C 237 -25.63 1.85 -2.77
CA PRO C 237 -25.54 2.56 -4.05
C PRO C 237 -26.74 3.44 -4.35
N LEU C 238 -27.94 3.04 -3.92
CA LEU C 238 -29.15 3.80 -4.21
C LEU C 238 -29.20 5.14 -3.49
N ALA C 239 -28.37 5.35 -2.46
CA ALA C 239 -28.38 6.61 -1.72
C ALA C 239 -27.47 7.67 -2.35
N PHE C 240 -27.20 7.56 -3.66
CA PHE C 240 -26.30 8.51 -4.28
C PHE C 240 -26.92 9.91 -4.32
N LYS C 241 -26.04 10.91 -4.27
CA LYS C 241 -26.45 12.30 -4.35
C LYS C 241 -26.81 12.64 -5.79
N ILE C 242 -28.06 13.01 -6.03
CA ILE C 242 -28.57 13.27 -7.38
C ILE C 242 -28.20 14.72 -7.73
N THR C 243 -27.13 14.89 -8.52
CA THR C 243 -26.60 16.21 -8.85
C THR C 243 -26.71 16.55 -10.32
N THR C 244 -26.12 15.75 -11.19
CA THR C 244 -26.05 16.02 -12.62
C THR C 244 -27.30 15.51 -13.32
N GLN C 245 -27.52 15.97 -14.55
CA GLN C 245 -28.58 15.41 -15.37
C GLN C 245 -28.37 13.92 -15.60
N LEU C 246 -27.11 13.46 -15.60
CA LEU C 246 -26.85 12.03 -15.66
C LEU C 246 -27.36 11.34 -14.39
N ASP C 247 -27.09 11.96 -13.22
CA ASP C 247 -27.66 11.46 -11.97
C ASP C 247 -29.19 11.45 -12.06
N LEU C 248 -29.78 12.51 -12.62
CA LEU C 248 -31.23 12.58 -12.71
C LEU C 248 -31.80 11.49 -13.63
N LEU C 249 -31.17 11.26 -14.79
CA LEU C 249 -31.65 10.23 -15.70
C LEU C 249 -31.64 8.86 -15.05
N LEU C 250 -30.56 8.53 -14.33
CA LEU C 250 -30.51 7.28 -13.57
C LEU C 250 -31.60 7.23 -12.52
N ALA C 251 -31.75 8.32 -11.76
CA ALA C 251 -32.77 8.37 -10.73
C ALA C 251 -34.16 8.10 -11.30
N GLU C 252 -34.48 8.73 -12.44
CA GLU C 252 -35.79 8.49 -13.04
C GLU C 252 -35.92 7.06 -13.56
N THR C 253 -34.84 6.49 -14.10
CA THR C 253 -34.92 5.11 -14.60
C THR C 253 -35.15 4.12 -13.47
N ILE C 254 -34.45 4.30 -12.34
CA ILE C 254 -34.66 3.43 -11.19
C ILE C 254 -36.12 3.46 -10.78
N VAL C 255 -36.68 4.67 -10.73
CA VAL C 255 -38.03 4.89 -10.23
C VAL C 255 -39.11 4.55 -11.27
N ARG C 256 -38.84 4.77 -12.55
CA ARG C 256 -39.91 4.69 -13.55
C ARG C 256 -40.44 3.27 -13.64
N ARG C 257 -39.67 2.35 -14.19
CA ARG C 257 -40.16 0.98 -14.34
C ARG C 257 -39.29 0.03 -13.53
N GLY D 34 11.31 1.28 -26.04
CA GLY D 34 10.40 2.21 -26.69
C GLY D 34 10.85 2.72 -28.06
N SER D 35 11.71 1.94 -28.74
CA SER D 35 12.33 2.35 -30.00
C SER D 35 11.30 2.79 -31.05
N SER D 36 10.08 2.30 -30.96
CA SER D 36 9.07 2.58 -31.99
C SER D 36 8.34 3.90 -31.79
N GLY D 37 8.39 4.49 -30.60
CA GLY D 37 7.64 5.70 -30.33
C GLY D 37 6.14 5.48 -30.39
N THR D 38 5.70 4.23 -30.45
CA THR D 38 4.28 3.97 -30.62
C THR D 38 3.56 3.98 -29.27
N VAL D 39 2.23 3.98 -29.35
CA VAL D 39 1.36 3.97 -28.19
C VAL D 39 0.61 2.65 -28.22
N ALA D 40 0.74 1.86 -27.15
CA ALA D 40 0.06 0.58 -27.01
C ALA D 40 -0.96 0.68 -25.89
N ALA D 41 -2.13 0.09 -26.10
CA ALA D 41 -3.16 0.02 -25.07
C ALA D 41 -3.48 -1.43 -24.76
N VAL D 42 -3.46 -1.75 -23.47
CA VAL D 42 -3.70 -3.09 -22.95
C VAL D 42 -4.98 -3.06 -22.13
N VAL D 43 -5.83 -4.05 -22.35
CA VAL D 43 -7.05 -4.25 -21.58
C VAL D 43 -6.93 -5.57 -20.83
N PRO D 44 -6.58 -5.55 -19.54
CA PRO D 44 -6.54 -6.81 -18.78
C PRO D 44 -7.96 -7.20 -18.40
N ALA D 45 -8.42 -8.34 -18.92
CA ALA D 45 -9.79 -8.76 -18.69
C ALA D 45 -9.82 -10.27 -18.40
N ALA D 46 -9.11 -10.69 -17.35
CA ALA D 46 -9.03 -12.10 -16.99
C ALA D 46 -9.09 -12.29 -15.47
N GLY D 47 -9.93 -11.52 -14.79
CA GLY D 47 -10.03 -11.58 -13.33
C GLY D 47 -8.80 -11.08 -12.59
N LYS D 58 -17.81 -10.77 -16.37
CA LYS D 58 -17.53 -9.34 -16.30
C LYS D 58 -17.45 -8.68 -17.66
N ALA D 59 -16.25 -8.73 -18.26
CA ALA D 59 -15.98 -8.04 -19.53
C ALA D 59 -16.83 -8.50 -20.69
N PHE D 60 -17.37 -9.71 -20.64
CA PHE D 60 -18.19 -10.22 -21.73
C PHE D 60 -19.66 -9.87 -21.60
N CYS D 61 -20.09 -9.28 -20.48
CA CYS D 61 -21.46 -8.79 -20.34
C CYS D 61 -21.80 -7.83 -21.47
N GLU D 62 -23.01 -7.97 -22.01
CA GLU D 62 -23.45 -7.16 -23.13
C GLU D 62 -24.16 -5.89 -22.68
N ILE D 63 -23.86 -4.78 -23.36
CA ILE D 63 -24.55 -3.52 -23.14
C ILE D 63 -25.15 -3.09 -24.48
N ASP D 64 -26.49 -3.16 -24.60
CA ASP D 64 -27.21 -2.79 -25.82
C ASP D 64 -26.57 -3.45 -27.05
N GLY D 65 -26.26 -4.73 -26.94
CA GLY D 65 -25.72 -5.49 -28.05
C GLY D 65 -24.27 -5.87 -27.93
N ALA D 66 -23.39 -4.92 -27.61
CA ALA D 66 -21.96 -5.14 -27.63
C ALA D 66 -21.42 -5.48 -26.25
N SER D 67 -20.45 -6.37 -26.20
CA SER D 67 -19.83 -6.67 -24.92
C SER D 67 -19.07 -5.45 -24.41
N MET D 68 -18.86 -5.39 -23.10
CA MET D 68 -18.02 -4.36 -22.53
C MET D 68 -16.62 -4.41 -23.11
N LEU D 69 -16.10 -5.63 -23.30
CA LEU D 69 -14.80 -5.79 -23.91
C LEU D 69 -14.75 -5.12 -25.29
N ALA D 70 -15.75 -5.38 -26.11
CA ALA D 70 -15.79 -4.80 -27.45
C ALA D 70 -15.87 -3.28 -27.40
N ARG D 71 -16.75 -2.75 -26.55
CA ARG D 71 -16.93 -1.31 -26.47
C ARG D 71 -15.68 -0.63 -25.96
N ALA D 72 -15.00 -1.25 -25.00
CA ALA D 72 -13.79 -0.67 -24.48
C ALA D 72 -12.74 -0.62 -25.57
N VAL D 73 -12.63 -1.68 -26.36
CA VAL D 73 -11.68 -1.68 -27.46
C VAL D 73 -12.07 -0.66 -28.51
N ALA D 74 -13.35 -0.59 -28.83
CA ALA D 74 -13.81 0.42 -29.79
C ALA D 74 -13.43 1.81 -29.32
N GLY D 75 -13.57 2.08 -28.03
CA GLY D 75 -13.15 3.37 -27.51
C GLY D 75 -11.68 3.65 -27.75
N LEU D 76 -10.82 2.68 -27.43
CA LEU D 76 -9.38 2.89 -27.61
C LEU D 76 -9.04 3.18 -29.07
N LEU D 77 -9.61 2.39 -29.99
CA LEU D 77 -9.33 2.60 -31.40
C LEU D 77 -9.91 3.94 -31.89
N ASP D 78 -11.14 4.27 -31.50
CA ASP D 78 -11.75 5.51 -31.96
C ASP D 78 -11.06 6.76 -31.42
N SER D 79 -10.16 6.64 -30.42
CA SER D 79 -9.38 7.80 -30.04
C SER D 79 -8.47 8.27 -31.17
N LYS D 80 -8.18 7.41 -32.15
CA LYS D 80 -7.36 7.68 -33.34
C LYS D 80 -5.88 7.79 -33.03
N VAL D 81 -5.47 7.70 -31.77
CA VAL D 81 -4.10 7.96 -31.37
C VAL D 81 -3.43 6.75 -30.73
N VAL D 82 -4.05 5.57 -30.83
CA VAL D 82 -3.49 4.33 -30.28
C VAL D 82 -3.01 3.47 -31.45
N ASP D 83 -1.73 3.07 -31.43
CA ASP D 83 -1.17 2.26 -32.51
C ASP D 83 -1.51 0.78 -32.39
N HIS D 84 -1.63 0.26 -31.18
CA HIS D 84 -1.90 -1.16 -31.00
C HIS D 84 -2.76 -1.41 -29.76
N VAL D 85 -3.79 -2.24 -29.91
CA VAL D 85 -4.60 -2.67 -28.78
C VAL D 85 -4.41 -4.16 -28.58
N VAL D 86 -3.99 -4.56 -27.38
CA VAL D 86 -3.87 -5.96 -27.00
C VAL D 86 -4.83 -6.21 -25.83
N VAL D 87 -5.56 -7.32 -25.90
CA VAL D 87 -6.55 -7.71 -24.91
C VAL D 87 -6.16 -9.05 -24.30
N ALA D 88 -6.22 -9.16 -22.97
CA ALA D 88 -5.97 -10.41 -22.28
C ALA D 88 -7.27 -10.95 -21.69
N VAL D 89 -7.64 -12.17 -22.08
CA VAL D 89 -8.87 -12.82 -21.62
C VAL D 89 -8.53 -14.20 -21.09
N PRO D 90 -9.42 -14.87 -20.37
CA PRO D 90 -9.12 -16.23 -19.94
C PRO D 90 -8.89 -17.16 -21.11
N ALA D 91 -8.06 -18.18 -20.88
CA ALA D 91 -7.71 -19.10 -21.95
C ALA D 91 -8.95 -19.62 -22.66
N ASP D 92 -9.98 -20.02 -21.91
CA ASP D 92 -11.15 -20.65 -22.50
C ASP D 92 -12.06 -19.69 -23.25
N ARG D 93 -11.84 -18.38 -23.21
CA ARG D 93 -12.67 -17.45 -23.97
C ARG D 93 -11.90 -16.72 -25.06
N VAL D 94 -10.63 -17.11 -25.30
CA VAL D 94 -9.79 -16.42 -26.27
C VAL D 94 -10.40 -16.47 -27.67
N ASP D 95 -10.76 -17.68 -28.14
CA ASP D 95 -11.32 -17.83 -29.48
C ASP D 95 -12.59 -17.00 -29.62
N GLU D 96 -13.41 -16.98 -28.58
CA GLU D 96 -14.63 -16.20 -28.60
C GLU D 96 -14.33 -14.72 -28.72
N ALA D 97 -13.45 -14.21 -27.87
CA ALA D 97 -13.06 -12.80 -27.95
C ALA D 97 -12.56 -12.43 -29.33
N LYS D 98 -11.81 -13.34 -29.98
CA LYS D 98 -11.22 -13.01 -31.27
C LYS D 98 -12.31 -12.79 -32.30
N ARG D 99 -13.37 -13.59 -32.26
CA ARG D 99 -14.49 -13.40 -33.16
C ARG D 99 -15.32 -12.18 -32.76
N LEU D 100 -15.18 -11.71 -31.53
CA LEU D 100 -15.96 -10.58 -31.08
C LEU D 100 -15.21 -9.28 -31.23
N LEU D 101 -13.93 -9.33 -31.62
CA LEU D 101 -13.16 -8.12 -31.67
C LEU D 101 -12.75 -7.76 -33.09
N PRO D 102 -12.60 -6.46 -33.39
CA PRO D 102 -12.05 -6.06 -34.69
C PRO D 102 -10.68 -6.66 -34.94
N GLY D 103 -10.40 -6.90 -36.22
CA GLY D 103 -9.12 -7.45 -36.61
C GLY D 103 -7.95 -6.60 -36.13
N GLN D 104 -8.17 -5.31 -35.89
CA GLN D 104 -7.08 -4.45 -35.44
C GLN D 104 -6.66 -4.75 -34.01
N ALA D 105 -7.50 -5.45 -33.24
CA ALA D 105 -7.15 -5.83 -31.88
C ALA D 105 -6.43 -7.17 -31.87
N THR D 106 -5.61 -7.39 -30.84
CA THR D 106 -4.92 -8.66 -30.66
C THR D 106 -5.38 -9.28 -29.36
N VAL D 107 -5.50 -10.59 -29.32
CA VAL D 107 -6.06 -11.25 -28.16
C VAL D 107 -5.05 -12.29 -27.71
N VAL D 108 -4.71 -12.24 -26.42
CA VAL D 108 -3.84 -13.21 -25.79
C VAL D 108 -4.54 -13.79 -24.58
N ALA D 109 -4.06 -14.95 -24.16
CA ALA D 109 -4.50 -15.54 -22.91
C ALA D 109 -3.96 -14.74 -21.72
N GLY D 110 -4.83 -14.46 -20.74
CA GLY D 110 -4.49 -13.71 -19.56
C GLY D 110 -3.88 -14.57 -18.45
N GLY D 111 -3.50 -13.88 -17.36
CA GLY D 111 -2.87 -14.46 -16.20
C GLY D 111 -3.78 -14.55 -14.98
N ALA D 112 -3.15 -14.75 -13.81
CA ALA D 112 -3.85 -14.90 -12.54
C ALA D 112 -4.43 -13.60 -12.02
N ASP D 113 -3.57 -12.63 -11.77
CA ASP D 113 -4.03 -11.35 -11.28
C ASP D 113 -4.02 -10.36 -12.43
N ARG D 114 -4.42 -9.14 -12.13
CA ARG D 114 -4.49 -8.12 -13.16
C ARG D 114 -3.12 -7.81 -13.75
N THR D 115 -2.11 -7.66 -12.88
CA THR D 115 -0.77 -7.31 -13.36
C THR D 115 -0.16 -8.37 -14.26
N ALA D 116 -0.41 -9.65 -13.97
CA ALA D 116 0.05 -10.72 -14.84
C ALA D 116 -0.55 -10.60 -16.24
N SER D 117 -1.85 -10.30 -16.34
CA SER D 117 -2.50 -10.17 -17.63
C SER D 117 -1.88 -9.03 -18.45
N VAL D 118 -1.54 -7.93 -17.78
CA VAL D 118 -0.96 -6.78 -18.46
C VAL D 118 0.39 -7.14 -19.07
N ARG D 119 1.22 -7.83 -18.28
CA ARG D 119 2.53 -8.27 -18.74
C ARG D 119 2.42 -9.19 -19.95
N LEU D 120 1.49 -10.15 -19.89
CA LEU D 120 1.25 -11.04 -21.01
C LEU D 120 0.77 -10.26 -22.23
N ALA D 121 -0.19 -9.35 -22.04
CA ALA D 121 -0.67 -8.56 -23.16
C ALA D 121 0.43 -7.69 -23.74
N LEU D 122 1.26 -7.12 -22.87
CA LEU D 122 2.31 -6.24 -23.34
C LEU D 122 3.34 -7.04 -24.14
N ALA D 123 3.56 -8.30 -23.75
CA ALA D 123 4.45 -9.17 -24.49
C ALA D 123 3.98 -9.38 -25.92
N ALA D 124 2.69 -9.20 -26.19
CA ALA D 124 2.16 -9.38 -27.54
C ALA D 124 2.11 -8.10 -28.37
N VAL D 125 2.52 -6.97 -27.83
CA VAL D 125 2.48 -5.75 -28.65
C VAL D 125 3.64 -5.81 -29.64
N PRO D 126 3.37 -5.65 -30.93
CA PRO D 126 4.46 -5.60 -31.91
C PRO D 126 5.37 -4.42 -31.64
N GLY D 127 6.64 -4.57 -32.03
CA GLY D 127 7.59 -3.51 -31.84
C GLY D 127 7.93 -3.24 -30.38
N ASN D 128 8.49 -2.06 -30.15
CA ASN D 128 8.87 -1.56 -28.83
C ASN D 128 8.11 -0.27 -28.59
N PRO D 129 6.91 -0.34 -28.02
CA PRO D 129 6.13 0.88 -27.78
C PRO D 129 6.80 1.83 -26.79
N ALA D 130 6.71 3.12 -27.09
CA ALA D 130 7.16 4.14 -26.15
C ALA D 130 6.20 4.29 -24.98
N PHE D 131 4.92 3.98 -25.19
CA PHE D 131 3.90 4.26 -24.20
C PHE D 131 2.92 3.12 -24.13
N VAL D 132 2.50 2.83 -22.90
CA VAL D 132 1.52 1.79 -22.62
C VAL D 132 0.39 2.42 -21.81
N LEU D 133 -0.82 2.25 -22.31
CA LEU D 133 -2.05 2.61 -21.63
C LEU D 133 -2.66 1.33 -21.09
N VAL D 134 -3.05 1.33 -19.81
CA VAL D 134 -3.72 0.20 -19.22
C VAL D 134 -5.15 0.63 -18.97
N HIS D 135 -6.11 -0.12 -19.51
CA HIS D 135 -7.48 0.32 -19.59
C HIS D 135 -8.45 -0.73 -19.05
N ASP D 136 -9.35 -0.29 -18.15
CA ASP D 136 -10.35 -1.14 -17.55
C ASP D 136 -11.41 -1.51 -18.59
N ALA D 137 -11.61 -2.80 -18.81
CA ALA D 137 -12.70 -3.22 -19.70
C ALA D 137 -14.06 -2.73 -19.19
N ALA D 138 -14.23 -2.60 -17.87
CA ALA D 138 -15.51 -2.21 -17.30
C ALA D 138 -15.83 -0.74 -17.52
N ARG D 139 -14.86 0.07 -17.94
CA ARG D 139 -15.11 1.46 -18.29
C ARG D 139 -15.44 1.58 -19.78
N ALA D 140 -16.46 0.80 -20.18
CA ALA D 140 -16.76 0.58 -21.59
C ALA D 140 -17.21 1.87 -22.30
N LEU D 141 -17.71 2.86 -21.58
CA LEU D 141 -18.19 4.07 -22.22
C LEU D 141 -17.17 5.21 -22.18
N THR D 142 -15.93 4.93 -21.82
CA THR D 142 -14.89 5.96 -21.82
C THR D 142 -14.91 6.71 -23.14
N PRO D 143 -15.01 8.03 -23.11
CA PRO D 143 -15.05 8.79 -24.36
C PRO D 143 -13.71 8.74 -25.05
N PRO D 144 -13.69 8.58 -26.38
CA PRO D 144 -12.41 8.57 -27.10
C PRO D 144 -11.56 9.81 -26.88
N ALA D 145 -12.17 10.98 -26.70
CA ALA D 145 -11.37 12.18 -26.47
C ALA D 145 -10.62 12.13 -25.14
N LEU D 146 -11.18 11.48 -24.12
CA LEU D 146 -10.45 11.27 -22.88
C LEU D 146 -9.18 10.44 -23.13
N ILE D 147 -9.33 9.34 -23.87
CA ILE D 147 -8.17 8.52 -24.22
C ILE D 147 -7.13 9.37 -24.94
N ALA D 148 -7.58 10.27 -25.82
CA ALA D 148 -6.63 11.13 -26.51
C ALA D 148 -5.95 12.12 -25.54
N ARG D 149 -6.66 12.61 -24.53
CA ARG D 149 -6.04 13.51 -23.55
C ARG D 149 -4.90 12.83 -22.81
N VAL D 150 -5.09 11.57 -22.41
CA VAL D 150 -4.01 10.83 -21.77
C VAL D 150 -2.83 10.70 -22.72
N VAL D 151 -3.09 10.35 -23.97
CA VAL D 151 -1.99 10.16 -24.90
C VAL D 151 -1.29 11.48 -25.18
N GLN D 152 -2.06 12.58 -25.30
CA GLN D 152 -1.45 13.88 -25.57
C GLN D 152 -0.55 14.33 -24.43
N ALA D 153 -0.94 14.03 -23.18
CA ALA D 153 -0.12 14.43 -22.04
C ALA D 153 1.21 13.66 -22.02
N LEU D 154 1.18 12.40 -22.45
CA LEU D 154 2.42 11.65 -22.62
C LEU D 154 3.32 12.31 -23.67
N ARG D 155 2.76 12.63 -24.85
CA ARG D 155 3.56 13.28 -25.88
C ARG D 155 4.12 14.60 -25.38
N ASP D 156 3.42 15.27 -24.47
CA ASP D 156 3.87 16.52 -23.87
C ASP D 156 5.07 16.35 -22.93
N GLY D 157 5.51 15.13 -22.62
CA GLY D 157 6.67 14.94 -21.76
C GLY D 157 6.36 14.33 -20.41
N HIS D 158 5.10 14.23 -20.01
CA HIS D 158 4.76 13.50 -18.80
C HIS D 158 5.00 12.02 -19.04
N ARG D 159 5.48 11.33 -18.01
CA ARG D 159 5.80 9.91 -18.14
C ARG D 159 4.77 9.01 -17.49
N ALA D 160 3.78 9.58 -16.79
CA ALA D 160 2.70 8.80 -16.21
C ALA D 160 1.51 9.72 -16.06
N VAL D 161 0.36 9.29 -16.57
CA VAL D 161 -0.81 10.16 -16.76
C VAL D 161 -2.07 9.39 -16.43
N VAL D 162 -2.94 9.97 -15.62
CA VAL D 162 -4.24 9.35 -15.35
C VAL D 162 -5.33 10.37 -15.58
N PRO D 163 -6.52 9.92 -15.96
CA PRO D 163 -7.68 10.81 -15.96
C PRO D 163 -8.29 10.87 -14.56
N ALA D 164 -8.85 12.02 -14.21
CA ALA D 164 -9.37 12.15 -12.87
C ALA D 164 -10.48 13.20 -12.83
N LEU D 165 -11.34 13.06 -11.83
CA LEU D 165 -12.50 13.90 -11.58
C LEU D 165 -12.48 14.36 -10.13
N PRO D 166 -13.06 15.52 -9.83
CA PRO D 166 -13.29 15.89 -8.42
C PRO D 166 -14.20 14.87 -7.74
N LEU D 167 -14.01 14.71 -6.41
CA LEU D 167 -14.83 13.77 -5.66
C LEU D 167 -16.28 14.20 -5.57
N HIS D 168 -17.18 13.21 -5.63
CA HIS D 168 -18.61 13.44 -5.47
C HIS D 168 -19.02 13.44 -4.00
N ASP D 169 -18.60 12.44 -3.26
CA ASP D 169 -18.91 12.31 -1.84
C ASP D 169 -17.70 12.69 -1.01
N THR D 170 -17.97 13.04 0.24
CA THR D 170 -16.92 13.15 1.24
C THR D 170 -16.29 11.78 1.47
N VAL D 171 -14.96 11.78 1.54
CA VAL D 171 -14.18 10.57 1.74
C VAL D 171 -13.56 10.63 3.13
N LYS D 172 -13.60 9.50 3.83
CA LYS D 172 -13.06 9.42 5.19
C LYS D 172 -12.19 8.18 5.32
N ALA D 173 -11.12 8.32 6.10
CA ALA D 173 -10.31 7.17 6.46
C ALA D 173 -10.94 6.46 7.63
N VAL D 174 -10.98 5.12 7.55
CA VAL D 174 -11.79 4.30 8.43
C VAL D 174 -10.99 3.07 8.84
N ASP D 175 -10.91 2.79 10.13
CA ASP D 175 -10.19 1.59 10.54
C ASP D 175 -11.05 0.36 10.26
N ALA D 176 -10.50 -0.82 10.57
CA ALA D 176 -11.18 -2.06 10.23
C ALA D 176 -12.42 -2.32 11.06
N ASN D 177 -12.59 -1.62 12.17
CA ASN D 177 -13.81 -1.69 12.96
C ASN D 177 -14.87 -0.67 12.51
N GLY D 178 -14.62 0.04 11.41
CA GLY D 178 -15.53 1.06 10.95
C GLY D 178 -15.42 2.37 11.70
N VAL D 179 -14.39 2.55 12.52
CA VAL D 179 -14.25 3.81 13.24
C VAL D 179 -13.56 4.80 12.33
N VAL D 180 -14.09 6.01 12.25
CA VAL D 180 -13.49 7.02 11.40
C VAL D 180 -12.16 7.48 11.99
N LEU D 181 -11.11 7.44 11.18
CA LEU D 181 -9.80 7.95 11.59
C LEU D 181 -9.53 9.36 11.12
N GLY D 182 -10.18 9.82 10.06
CA GLY D 182 -10.01 11.20 9.65
C GLY D 182 -10.74 11.47 8.37
N THR D 183 -10.79 12.76 8.02
CA THR D 183 -11.41 13.22 6.79
C THR D 183 -10.38 14.09 6.06
N PRO D 184 -9.73 13.57 5.03
CA PRO D 184 -8.79 14.40 4.27
C PRO D 184 -9.53 15.46 3.50
N GLU D 185 -8.87 16.61 3.32
CA GLU D 185 -9.45 17.74 2.60
C GLU D 185 -9.91 17.32 1.21
N ARG D 186 -11.22 17.43 0.97
CA ARG D 186 -11.81 16.97 -0.29
C ARG D 186 -11.14 17.63 -1.50
N ASP D 187 -10.91 18.93 -1.42
CA ASP D 187 -10.34 19.65 -2.55
C ASP D 187 -8.96 19.14 -2.94
N GLY D 188 -8.27 18.44 -2.05
CA GLY D 188 -6.95 17.92 -2.38
C GLY D 188 -6.98 16.54 -2.97
N LEU D 189 -8.16 15.99 -3.17
CA LEU D 189 -8.30 14.63 -3.67
C LEU D 189 -8.97 14.65 -5.04
N ARG D 190 -8.66 13.62 -5.82
CA ARG D 190 -9.31 13.34 -7.09
C ARG D 190 -9.62 11.86 -7.14
N ALA D 191 -10.71 11.52 -7.81
CA ALA D 191 -11.00 10.12 -8.13
C ALA D 191 -10.46 9.80 -9.52
N VAL D 192 -9.69 8.72 -9.62
CA VAL D 192 -8.93 8.39 -10.83
C VAL D 192 -9.67 7.35 -11.69
N GLN D 193 -9.59 7.52 -13.00
CA GLN D 193 -10.22 6.57 -13.93
C GLN D 193 -9.13 5.89 -14.78
N THR D 194 -9.50 5.29 -15.90
CA THR D 194 -8.54 4.77 -16.88
C THR D 194 -9.00 5.22 -18.26
N PRO D 195 -8.15 5.07 -19.31
CA PRO D 195 -6.82 4.46 -19.35
C PRO D 195 -5.81 5.24 -18.57
N GLN D 196 -4.93 4.53 -17.88
CA GLN D 196 -3.76 5.11 -17.25
C GLN D 196 -2.56 4.83 -18.16
N GLY D 197 -1.80 5.88 -18.47
CA GLY D 197 -0.76 5.81 -19.48
C GLY D 197 0.63 6.04 -18.91
N PHE D 198 1.60 5.27 -19.40
CA PHE D 198 2.93 5.30 -18.86
C PHE D 198 3.95 5.13 -19.98
N ALA D 199 5.07 5.84 -19.84
CA ALA D 199 6.27 5.42 -20.53
C ALA D 199 6.51 3.95 -20.21
N THR D 200 6.81 3.18 -21.25
CA THR D 200 6.95 1.73 -21.10
C THR D 200 7.98 1.37 -20.03
N ASP D 201 9.19 1.95 -20.09
CA ASP D 201 10.22 1.58 -19.11
C ASP D 201 9.75 1.85 -17.68
N LEU D 202 9.04 2.97 -17.47
CA LEU D 202 8.55 3.29 -16.14
C LEU D 202 7.54 2.26 -15.66
N LEU D 203 6.58 1.85 -16.51
CA LEU D 203 5.64 0.82 -16.12
C LEU D 203 6.35 -0.49 -15.76
N LEU D 204 7.35 -0.88 -16.56
CA LEU D 204 8.11 -2.11 -16.27
C LEU D 204 8.90 -1.99 -14.98
N ARG D 205 9.53 -0.84 -14.74
CA ARG D 205 10.23 -0.64 -13.48
C ARG D 205 9.26 -0.78 -12.30
N ALA D 206 8.04 -0.25 -12.46
CA ALA D 206 7.05 -0.38 -11.40
C ALA D 206 6.60 -1.83 -11.22
N TYR D 207 6.45 -2.57 -12.32
CA TYR D 207 6.04 -3.98 -12.19
C TYR D 207 7.14 -4.84 -11.58
N ALA D 208 8.42 -4.55 -11.85
CA ALA D 208 9.46 -5.37 -11.26
C ALA D 208 9.46 -5.26 -9.75
N ALA D 209 9.09 -4.10 -9.22
CA ALA D 209 9.06 -3.92 -7.78
C ALA D 209 7.74 -4.31 -7.15
N GLY D 210 6.62 -4.14 -7.85
CA GLY D 210 5.32 -4.29 -7.21
C GLY D 210 4.34 -5.35 -7.68
N ALA D 211 4.79 -6.21 -8.58
CA ALA D 211 3.90 -7.18 -9.22
C ALA D 211 3.20 -8.10 -8.21
N GLY D 212 3.89 -8.52 -7.15
CA GLY D 212 3.33 -9.50 -6.25
C GLY D 212 2.39 -9.00 -5.16
N THR D 213 1.73 -7.86 -5.37
CA THR D 213 0.83 -7.28 -4.38
C THR D 213 -0.50 -8.03 -4.33
N ALA D 214 -0.89 -8.43 -3.12
CA ALA D 214 -2.23 -8.98 -2.92
C ALA D 214 -3.28 -7.88 -3.11
N GLY D 215 -4.49 -8.30 -3.46
CA GLY D 215 -5.59 -7.37 -3.58
C GLY D 215 -5.58 -6.58 -4.86
N PHE D 216 -6.17 -5.39 -4.79
CA PHE D 216 -6.51 -4.61 -5.96
C PHE D 216 -5.32 -3.77 -6.43
N THR D 217 -5.13 -3.74 -7.74
CA THR D 217 -4.02 -3.05 -8.38
C THR D 217 -4.49 -1.78 -9.07
N ASP D 218 -3.72 -0.72 -8.86
CA ASP D 218 -3.87 0.57 -9.55
C ASP D 218 -2.47 0.86 -10.07
N ASP D 219 -2.31 0.78 -11.38
CA ASP D 219 -1.00 0.85 -11.98
C ASP D 219 -0.26 2.12 -11.59
N ALA D 220 -0.97 3.24 -11.50
CA ALA D 220 -0.32 4.50 -11.13
C ALA D 220 0.27 4.41 -9.73
N SER D 221 -0.42 3.72 -8.81
CA SER D 221 0.13 3.55 -7.46
C SER D 221 1.49 2.86 -7.49
N LEU D 222 1.60 1.80 -8.32
CA LEU D 222 2.86 1.08 -8.46
C LEU D 222 3.94 1.97 -9.05
N VAL D 223 3.57 2.82 -10.01
CA VAL D 223 4.56 3.73 -10.59
C VAL D 223 5.00 4.75 -9.54
N GLU D 224 4.05 5.29 -8.78
CA GLU D 224 4.38 6.21 -7.70
C GLU D 224 5.39 5.60 -6.74
N HIS D 225 5.24 4.31 -6.43
CA HIS D 225 6.10 3.65 -5.46
C HIS D 225 7.54 3.56 -5.93
N VAL D 226 7.78 3.59 -7.24
CA VAL D 226 9.14 3.61 -7.76
C VAL D 226 9.61 5.01 -8.17
N GLY D 227 8.87 6.06 -7.78
CA GLY D 227 9.32 7.43 -8.01
C GLY D 227 8.72 8.11 -9.22
N GLY D 228 7.85 7.42 -9.97
CA GLY D 228 7.24 8.04 -11.13
C GLY D 228 6.34 9.17 -10.74
N GLN D 229 6.48 10.29 -11.42
N GLN D 229 6.49 10.29 -11.42
CA GLN D 229 5.65 11.46 -11.16
CA GLN D 229 5.65 11.44 -11.15
C GLN D 229 4.45 11.42 -12.08
C GLN D 229 4.45 11.39 -12.08
N VAL D 230 3.26 11.43 -11.52
CA VAL D 230 2.02 11.22 -12.26
C VAL D 230 1.31 12.54 -12.46
N GLN D 231 0.81 12.74 -13.68
CA GLN D 231 0.06 13.92 -14.06
C GLN D 231 -1.40 13.54 -14.26
N VAL D 232 -2.29 14.42 -13.79
CA VAL D 232 -3.73 14.22 -13.91
C VAL D 232 -4.21 15.03 -15.11
N VAL D 233 -5.05 14.41 -15.95
CA VAL D 233 -5.83 15.11 -16.97
C VAL D 233 -7.29 14.94 -16.61
N ASP D 234 -8.12 15.77 -17.22
CA ASP D 234 -9.56 15.72 -16.95
C ASP D 234 -10.11 14.37 -17.35
N GLY D 235 -10.82 13.74 -16.43
CA GLY D 235 -11.56 12.53 -16.73
C GLY D 235 -12.89 12.87 -17.37
N ASP D 236 -13.89 11.99 -17.15
CA ASP D 236 -15.22 12.17 -17.69
C ASP D 236 -16.21 11.27 -16.95
N PRO D 237 -17.38 11.78 -16.55
CA PRO D 237 -18.35 10.90 -15.89
C PRO D 237 -18.66 9.64 -16.68
N LEU D 238 -18.60 9.70 -18.01
CA LEU D 238 -18.96 8.53 -18.82
C LEU D 238 -17.97 7.38 -18.70
N ALA D 239 -16.76 7.64 -18.20
CA ALA D 239 -15.75 6.59 -18.06
C ALA D 239 -15.87 5.85 -16.73
N PHE D 240 -17.07 5.84 -16.13
CA PHE D 240 -17.24 5.17 -14.85
C PHE D 240 -17.04 3.67 -15.00
N LYS D 241 -16.48 3.07 -13.95
CA LYS D 241 -16.23 1.64 -13.94
C LYS D 241 -17.56 0.93 -13.66
N ILE D 242 -17.99 0.10 -14.60
CA ILE D 242 -19.30 -0.55 -14.50
C ILE D 242 -19.13 -1.76 -13.58
N THR D 243 -19.53 -1.58 -12.31
CA THR D 243 -19.35 -2.60 -11.28
C THR D 243 -20.68 -3.17 -10.82
N THR D 244 -21.61 -2.33 -10.34
CA THR D 244 -22.85 -2.84 -9.78
C THR D 244 -23.89 -3.06 -10.87
N GLN D 245 -24.92 -3.83 -10.51
CA GLN D 245 -26.08 -3.94 -11.39
C GLN D 245 -26.69 -2.56 -11.62
N LEU D 246 -26.59 -1.67 -10.64
CA LEU D 246 -27.04 -0.30 -10.83
C LEU D 246 -26.21 0.41 -11.90
N ASP D 247 -24.88 0.19 -11.90
CA ASP D 247 -24.01 0.76 -12.92
C ASP D 247 -24.43 0.33 -14.32
N LEU D 248 -24.76 -0.95 -14.47
CA LEU D 248 -25.14 -1.50 -15.77
C LEU D 248 -26.40 -0.84 -16.32
N LEU D 249 -27.42 -0.66 -15.47
CA LEU D 249 -28.64 0.01 -15.89
C LEU D 249 -28.33 1.41 -16.42
N LEU D 250 -27.47 2.13 -15.72
CA LEU D 250 -27.03 3.44 -16.17
C LEU D 250 -26.37 3.37 -17.54
N ALA D 251 -25.44 2.43 -17.72
CA ALA D 251 -24.75 2.28 -19.00
C ALA D 251 -25.73 2.03 -20.12
N GLU D 252 -26.63 1.07 -19.92
CA GLU D 252 -27.62 0.77 -20.94
C GLU D 252 -28.50 1.98 -21.20
N THR D 253 -28.81 2.75 -20.15
CA THR D 253 -29.62 3.94 -20.35
C THR D 253 -28.88 4.99 -21.17
N ILE D 254 -27.58 5.18 -20.89
CA ILE D 254 -26.82 6.18 -21.61
C ILE D 254 -26.80 5.88 -23.11
N VAL D 255 -26.51 4.63 -23.47
CA VAL D 255 -26.26 4.34 -24.88
C VAL D 255 -27.55 4.29 -25.68
N ARG D 256 -28.66 3.87 -25.06
CA ARG D 256 -29.91 3.78 -25.78
C ARG D 256 -30.52 5.14 -26.08
N ARG D 257 -29.96 6.23 -25.56
CA ARG D 257 -30.55 7.55 -25.77
C ARG D 257 -30.41 8.02 -27.21
C1 EDO E . 26.87 5.83 15.18
O1 EDO E . 25.49 5.63 14.87
C2 EDO E . 27.54 6.52 13.99
O2 EDO E . 27.60 7.94 14.24
C1 EDO F . 2.53 1.75 -0.42
O1 EDO F . 3.50 2.81 -0.18
C2 EDO F . 2.79 0.47 0.38
O2 EDO F . 3.04 0.80 1.75
C1 EDO G . 22.71 -2.87 -2.16
O1 EDO G . 23.73 -3.07 -1.16
C2 EDO G . 22.08 -1.49 -2.06
O2 EDO G . 20.99 -1.44 -1.12
C1 EDO H . 24.90 13.13 15.04
O1 EDO H . 24.23 11.92 15.41
C2 EDO H . 23.92 14.30 15.01
O2 EDO H . 23.51 14.55 13.67
C1 EDO I . 4.70 -5.78 -4.14
O1 EDO I . 5.04 -4.78 -3.18
C2 EDO I . 5.99 -6.43 -4.61
O2 EDO I . 5.84 -7.15 -5.83
C1 EDO J . -15.51 7.54 -4.94
O1 EDO J . -15.23 6.81 -6.17
C2 EDO J . -15.37 9.05 -5.15
O2 EDO J . -16.28 9.76 -4.29
C1 EDO K . -19.35 13.75 -12.25
O1 EDO K . -20.77 13.62 -12.24
C2 EDO K . -18.68 12.64 -11.43
O2 EDO K . -19.16 11.34 -11.82
C1 EDO L . -19.39 0.05 6.23
O1 EDO L . -19.48 -0.66 7.46
C2 EDO L . -18.16 -0.42 5.46
O2 EDO L . -17.97 0.48 4.37
C1 EDO M . -45.07 8.43 3.96
O1 EDO M . -44.38 7.79 2.88
C2 EDO M . -45.31 7.37 5.04
O2 EDO M . -45.83 8.00 6.23
C1 EDO N . 4.55 10.13 -5.90
O1 EDO N . 4.60 9.86 -4.47
C2 EDO N . 5.75 9.55 -6.65
O2 EDO N . 7.02 9.96 -6.08
C1 EDO O . -5.37 15.69 1.96
O1 EDO O . -5.81 16.50 0.84
C2 EDO O . -4.23 14.77 1.51
O2 EDO O . -3.08 15.53 1.10
C1 EDO P . -8.47 3.55 -10.92
O1 EDO P . -9.62 4.10 -10.25
C2 EDO P . -8.53 2.03 -10.95
O2 EDO P . -9.71 1.60 -11.69
#